data_6MU3
#
_entry.id   6MU3
#
_cell.length_a   44.822
_cell.length_b   131.089
_cell.length_c   169.988
_cell.angle_alpha   90.00
_cell.angle_beta   90.00
_cell.angle_gamma   90.00
#
_symmetry.space_group_name_H-M   'P 21 21 21'
#
loop_
_entity.id
_entity.type
_entity.pdbx_description
1 polymer 'Fab 2G12, light chain'
2 polymer 'Fab 2G12, heavy chain'
3 branched alpha-D-mannopyranose-(1-2)-alpha-D-mannopyranose-(1-2)-alpha-D-mannopyranose-(1-3)-beta-D-mannopyranose
4 water water
#
loop_
_entity_poly.entity_id
_entity_poly.type
_entity_poly.pdbx_seq_one_letter_code
_entity_poly.pdbx_strand_id
1 'polypeptide(L)'
;DVVMTQSPSTLSASVGDTITITCRASQSIETWLAWYQQKPGKAPKLLIYKASTLKTGVPSRFSGSGSGTEFTLTISGLQF
DDFATYHCQHYAGYSATFGQGTRVEIKRTVAAPSVFIFPPSDEQLKSGTASVVCLLNNFYPREAKVQWKVDNALQSGNSQ
ESVTEQDSKDSTYSLSSTLTLSKADYEKHKVYACEVTHQGLSSPVTKSFNRGE
;
L,K
2 'polypeptide(L)'
;EVQLVESGGGLVKAGGSLILSCGVSNFRISAHTMNWVRRVPGGGLEWVASISTSSTYRDYADAVKGRFTVSRDDLEDFVY
LQMHKMRVEDTAIYYCARKGSDRLSDNDPFDAWGPGTVVTVSPASTKGPSVFPLAPSSKSTSGGTAALGCLVKDYFPEPV
TVSWNSGALTSGVHTFPAVLQSSGLYSLSSVVTVPSSSLGTQTYICNVNHKPSNTKVDKKVEPKS
;
H,M
#
# COMPACT_ATOMS: atom_id res chain seq x y z
N VAL A 2 -23.78 -9.76 25.05
CA VAL A 2 -24.77 -8.70 24.87
C VAL A 2 -24.89 -8.26 23.42
N VAL A 3 -26.11 -8.34 22.87
CA VAL A 3 -26.39 -7.95 21.50
C VAL A 3 -27.36 -6.76 21.52
N MET A 4 -26.99 -5.70 20.81
CA MET A 4 -27.80 -4.49 20.67
C MET A 4 -28.46 -4.46 19.30
N THR A 5 -29.75 -4.15 19.29
CA THR A 5 -30.56 -4.10 18.06
C THR A 5 -31.27 -2.76 17.98
N GLN A 6 -30.99 -1.98 16.95
CA GLN A 6 -31.69 -0.72 16.73
C GLN A 6 -32.89 -0.90 15.82
N SER A 7 -33.88 -0.03 15.99
CA SER A 7 -35.12 -0.10 15.23
C SER A 7 -35.72 1.30 15.11
N PRO A 8 -36.04 1.76 13.90
CA PRO A 8 -35.87 1.06 12.63
C PRO A 8 -34.47 1.24 12.08
N SER A 9 -34.17 0.60 10.95
CA SER A 9 -32.87 0.81 10.31
C SER A 9 -32.83 2.13 9.56
N THR A 10 -33.95 2.53 8.98
CA THR A 10 -34.09 3.84 8.33
C THR A 10 -35.40 4.45 8.81
N LEU A 11 -35.35 5.73 9.18
CA LEU A 11 -36.51 6.47 9.63
C LEU A 11 -36.68 7.70 8.73
N SER A 12 -37.78 7.74 7.98
CA SER A 12 -38.06 8.85 7.08
C SER A 12 -39.01 9.82 7.76
N ALA A 13 -38.68 11.11 7.72
CA ALA A 13 -39.43 12.12 8.44
C ALA A 13 -39.23 13.46 7.75
N SER A 14 -39.93 14.47 8.25
CA SER A 14 -39.88 15.82 7.71
C SER A 14 -39.30 16.76 8.76
N VAL A 15 -38.79 17.90 8.30
CA VAL A 15 -38.33 18.92 9.25
C VAL A 15 -39.49 19.32 10.15
N GLY A 16 -39.20 19.48 11.44
CA GLY A 16 -40.21 19.81 12.42
C GLY A 16 -40.92 18.63 13.03
N ASP A 17 -40.67 17.41 12.55
CA ASP A 17 -41.31 16.24 13.13
C ASP A 17 -40.67 15.89 14.47
N THR A 18 -41.36 15.01 15.19
CA THR A 18 -40.86 14.37 16.40
C THR A 18 -40.69 12.89 16.11
N ILE A 19 -39.49 12.36 16.37
CA ILE A 19 -39.20 10.98 16.03
C ILE A 19 -38.55 10.26 17.21
N THR A 20 -38.69 8.93 17.20
CA THR A 20 -38.13 8.05 18.23
C THR A 20 -37.45 6.87 17.57
N ILE A 21 -36.21 6.62 18.01
CA ILE A 21 -35.43 5.45 17.60
C ILE A 21 -35.28 4.56 18.82
N THR A 22 -35.54 3.27 18.67
CA THR A 22 -35.45 2.34 19.78
C THR A 22 -34.17 1.52 19.68
N CYS A 23 -33.64 1.17 20.83
CA CYS A 23 -32.47 0.33 20.96
C CYS A 23 -32.78 -0.73 22.01
N ARG A 24 -32.63 -2.00 21.64
CA ARG A 24 -32.89 -3.11 22.54
C ARG A 24 -31.61 -3.87 22.85
N ALA A 25 -31.43 -4.20 24.13
CA ALA A 25 -30.31 -5.02 24.58
C ALA A 25 -30.77 -6.45 24.78
N SER A 26 -29.93 -7.41 24.39
CA SER A 26 -30.29 -8.82 24.53
C SER A 26 -30.44 -9.23 25.98
N GLN A 27 -29.82 -8.49 26.90
CA GLN A 27 -29.97 -8.72 28.33
C GLN A 27 -29.83 -7.37 29.02
N SER A 28 -30.21 -7.32 30.30
CA SER A 28 -30.26 -6.05 31.01
C SER A 28 -28.88 -5.42 31.09
N ILE A 29 -28.81 -4.14 30.72
CA ILE A 29 -27.60 -3.35 30.80
C ILE A 29 -27.80 -2.13 31.69
N GLU A 30 -28.80 -2.18 32.56
CA GLU A 30 -29.17 -1.05 33.41
C GLU A 30 -29.34 0.21 32.57
N THR A 31 -28.50 1.22 32.79
CA THR A 31 -28.52 2.44 32.00
C THR A 31 -27.17 2.70 31.32
N TRP A 32 -26.39 1.64 31.08
CA TRP A 32 -25.06 1.77 30.47
C TRP A 32 -25.19 1.83 28.95
N LEU A 33 -25.78 2.93 28.47
CA LEU A 33 -26.08 3.08 27.05
C LEU A 33 -25.81 4.50 26.60
N ALA A 34 -25.22 4.63 25.41
CA ALA A 34 -24.91 5.93 24.82
C ALA A 34 -25.47 6.01 23.40
N TRP A 35 -25.82 7.21 22.99
CA TRP A 35 -26.26 7.53 21.63
C TRP A 35 -25.25 8.46 21.00
N TYR A 36 -24.85 8.12 19.78
CA TYR A 36 -23.92 8.87 18.95
C TYR A 36 -24.59 9.29 17.65
N GLN A 37 -24.19 10.45 17.14
CA GLN A 37 -24.60 10.95 15.83
C GLN A 37 -23.41 10.88 14.89
N GLN A 38 -23.67 10.54 13.62
CA GLN A 38 -22.61 10.47 12.61
C GLN A 38 -23.12 10.94 11.25
N LYS A 39 -22.45 11.95 10.69
CA LYS A 39 -22.58 12.42 9.33
C LYS A 39 -21.63 11.67 8.41
N PRO A 40 -21.99 11.48 7.14
CA PRO A 40 -21.14 10.71 6.23
C PRO A 40 -19.74 11.32 6.11
N GLY A 41 -18.73 10.45 6.19
CA GLY A 41 -17.35 10.88 6.12
C GLY A 41 -16.82 11.59 7.36
N LYS A 42 -17.62 11.72 8.40
CA LYS A 42 -17.20 12.40 9.63
C LYS A 42 -17.07 11.39 10.76
N ALA A 43 -16.55 11.87 11.90
CA ALA A 43 -16.41 11.02 13.07
C ALA A 43 -17.71 11.00 13.88
N PRO A 44 -17.99 9.91 14.59
CA PRO A 44 -19.19 9.90 15.45
C PRO A 44 -19.05 10.92 16.57
N LYS A 45 -20.19 11.51 16.93
CA LYS A 45 -20.25 12.48 18.02
C LYS A 45 -21.13 11.92 19.13
N LEU A 46 -20.64 11.99 20.35
CA LEU A 46 -21.41 11.54 21.51
C LEU A 46 -22.54 12.52 21.79
N LEU A 47 -23.78 12.03 21.78
CA LEU A 47 -24.95 12.84 22.09
C LEU A 47 -25.45 12.61 23.52
N ILE A 48 -25.66 11.35 23.88
CA ILE A 48 -26.28 11.03 25.16
C ILE A 48 -25.54 9.87 25.79
N TYR A 49 -25.31 9.92 27.09
CA TYR A 49 -24.73 8.79 27.80
C TYR A 49 -25.53 8.55 29.07
N LYS A 50 -25.27 7.39 29.69
CA LYS A 50 -26.05 6.92 30.83
C LYS A 50 -27.54 6.94 30.51
N ALA A 51 -27.86 6.57 29.26
CA ALA A 51 -29.21 6.46 28.72
C ALA A 51 -29.91 7.82 28.54
N SER A 52 -29.71 8.78 29.45
CA SER A 52 -30.48 10.00 29.38
C SER A 52 -29.70 11.29 29.64
N THR A 53 -28.40 11.23 29.90
CA THR A 53 -27.64 12.45 30.19
C THR A 53 -27.12 13.04 28.89
N LEU A 54 -27.56 14.27 28.58
CA LEU A 54 -27.08 14.97 27.40
C LEU A 54 -25.66 15.48 27.59
N LYS A 55 -24.80 15.22 26.61
CA LYS A 55 -23.46 15.76 26.64
C LYS A 55 -23.52 17.27 26.45
N THR A 56 -22.61 17.99 27.11
CA THR A 56 -22.55 19.45 26.97
C THR A 56 -22.40 19.84 25.50
N GLY A 57 -23.22 20.80 25.06
CA GLY A 57 -23.23 21.26 23.70
C GLY A 57 -24.33 20.69 22.82
N VAL A 58 -25.04 19.68 23.30
CA VAL A 58 -26.08 19.01 22.51
C VAL A 58 -27.41 19.75 22.66
N PRO A 59 -28.10 20.06 21.55
CA PRO A 59 -29.37 20.79 21.66
C PRO A 59 -30.39 20.02 22.50
N SER A 60 -31.28 20.78 23.15
CA SER A 60 -32.26 20.18 24.05
C SER A 60 -33.36 19.44 23.32
N ARG A 61 -33.39 19.44 21.99
CA ARG A 61 -34.37 18.64 21.26
C ARG A 61 -34.04 17.16 21.25
N PHE A 62 -32.79 16.79 21.52
CA PHE A 62 -32.40 15.40 21.71
C PHE A 62 -32.65 14.98 23.15
N SER A 63 -33.26 13.81 23.34
CA SER A 63 -33.51 13.31 24.68
C SER A 63 -33.43 11.79 24.67
N GLY A 64 -32.86 11.22 25.73
CA GLY A 64 -32.76 9.78 25.86
C GLY A 64 -33.55 9.27 27.05
N SER A 65 -34.04 8.04 26.94
CA SER A 65 -34.78 7.42 28.04
C SER A 65 -34.69 5.91 27.94
N GLY A 66 -35.08 5.24 29.01
CA GLY A 66 -35.14 3.79 29.05
C GLY A 66 -34.15 3.21 30.03
N SER A 67 -34.25 1.89 30.19
CA SER A 67 -33.34 1.17 31.08
C SER A 67 -33.62 -0.32 30.98
N GLY A 68 -32.64 -1.13 31.39
CA GLY A 68 -32.77 -2.57 31.32
C GLY A 68 -32.48 -3.08 29.93
N THR A 69 -33.51 -3.35 29.14
CA THR A 69 -33.32 -3.85 27.78
C THR A 69 -33.93 -2.96 26.72
N GLU A 70 -34.64 -1.89 27.10
CA GLU A 70 -35.36 -1.07 26.14
C GLU A 70 -34.99 0.39 26.34
N PHE A 71 -34.56 1.04 25.25
CA PHE A 71 -34.08 2.41 25.28
C PHE A 71 -34.62 3.16 24.09
N THR A 72 -34.76 4.47 24.23
CA THR A 72 -35.30 5.30 23.18
C THR A 72 -34.50 6.60 23.10
N LEU A 73 -34.24 7.02 21.86
CA LEU A 73 -33.72 8.33 21.54
C LEU A 73 -34.85 9.10 20.85
N THR A 74 -35.09 10.33 21.29
CA THR A 74 -36.16 11.16 20.78
C THR A 74 -35.60 12.46 20.28
N ILE A 75 -36.02 12.86 19.07
CA ILE A 75 -35.71 14.18 18.54
C ILE A 75 -37.03 14.91 18.37
N SER A 76 -37.19 16.02 19.09
CA SER A 76 -38.43 16.81 19.09
C SER A 76 -38.16 18.08 18.31
N GLY A 77 -38.72 18.17 17.10
CA GLY A 77 -38.47 19.32 16.26
C GLY A 77 -37.29 19.07 15.35
N LEU A 78 -37.35 17.98 14.59
CA LEU A 78 -36.31 17.60 13.64
C LEU A 78 -35.91 18.78 12.77
N GLN A 79 -34.64 19.17 12.85
CA GLN A 79 -34.07 20.21 12.01
C GLN A 79 -33.18 19.60 10.94
N PHE A 80 -32.87 20.41 9.92
CA PHE A 80 -32.12 19.91 8.77
C PHE A 80 -30.77 19.34 9.19
N ASP A 81 -30.12 19.96 10.17
CA ASP A 81 -28.82 19.48 10.62
C ASP A 81 -28.90 18.12 11.31
N ASP A 82 -30.09 17.64 11.67
CA ASP A 82 -30.25 16.40 12.40
C ASP A 82 -30.36 15.17 11.51
N PHE A 83 -30.43 15.35 10.19
CA PHE A 83 -30.52 14.22 9.27
C PHE A 83 -29.15 13.56 9.14
N ALA A 84 -29.07 12.28 9.54
CA ALA A 84 -27.79 11.63 9.77
C ALA A 84 -27.98 10.20 10.25
N THR A 85 -26.91 9.49 10.59
CA THR A 85 -27.06 8.17 11.19
C THR A 85 -26.88 8.28 12.70
N TYR A 86 -27.67 7.50 13.44
CA TYR A 86 -27.60 7.43 14.90
C TYR A 86 -27.24 6.02 15.34
N HIS A 87 -26.31 5.92 16.27
CA HIS A 87 -25.79 4.65 16.76
C HIS A 87 -26.01 4.55 18.26
N CYS A 88 -26.58 3.45 18.72
CA CYS A 88 -26.59 3.18 20.15
C CYS A 88 -25.43 2.26 20.49
N GLN A 89 -24.98 2.37 21.75
CA GLN A 89 -23.80 1.64 22.20
C GLN A 89 -23.99 1.24 23.65
N HIS A 90 -23.89 -0.06 23.93
CA HIS A 90 -23.65 -0.53 25.28
C HIS A 90 -22.15 -0.44 25.54
N TYR A 91 -21.76 0.28 26.60
CA TYR A 91 -20.36 0.40 26.97
C TYR A 91 -20.15 -0.20 28.36
N ALA A 92 -19.15 -1.07 28.48
CA ALA A 92 -18.68 -1.63 29.73
C ALA A 92 -17.24 -1.19 29.95
N GLY A 93 -16.67 -1.62 31.08
CA GLY A 93 -15.36 -1.13 31.48
C GLY A 93 -14.29 -1.30 30.41
N TYR A 94 -14.25 -2.47 29.77
CA TYR A 94 -13.18 -2.78 28.84
C TYR A 94 -13.71 -3.39 27.55
N SER A 95 -14.96 -3.09 27.21
CA SER A 95 -15.54 -3.55 25.97
C SER A 95 -16.76 -2.71 25.66
N ALA A 96 -17.27 -2.87 24.44
CA ALA A 96 -18.46 -2.15 24.02
C ALA A 96 -19.07 -2.91 22.85
N THR A 97 -20.37 -2.70 22.65
CA THR A 97 -21.04 -3.23 21.47
C THR A 97 -22.02 -2.19 20.96
N PHE A 98 -22.10 -2.06 19.64
CA PHE A 98 -22.95 -1.07 19.01
C PHE A 98 -24.16 -1.74 18.38
N GLY A 99 -25.26 -0.99 18.29
CA GLY A 99 -26.34 -1.35 17.41
C GLY A 99 -25.90 -1.18 15.97
N GLN A 100 -26.82 -1.49 15.05
CA GLN A 100 -26.46 -1.44 13.64
C GLN A 100 -26.65 -0.05 13.01
N GLY A 101 -27.21 0.90 13.73
CA GLY A 101 -27.37 2.23 13.18
C GLY A 101 -28.73 2.46 12.57
N THR A 102 -29.21 3.69 12.70
CA THR A 102 -30.48 4.15 12.12
C THR A 102 -30.21 5.39 11.27
N ARG A 103 -30.51 5.32 9.99
CA ARG A 103 -30.36 6.47 9.12
CA ARG A 103 -30.36 6.47 9.10
C ARG A 103 -31.65 7.28 9.14
N VAL A 104 -31.55 8.54 9.55
CA VAL A 104 -32.66 9.48 9.55
C VAL A 104 -32.51 10.35 8.32
N GLU A 105 -33.46 10.19 7.39
CA GLU A 105 -33.51 10.82 6.07
C GLU A 105 -34.81 11.60 5.93
N ILE A 106 -34.88 12.41 4.87
CA ILE A 106 -36.09 13.19 4.57
C ILE A 106 -37.07 12.32 3.79
N LYS A 107 -38.32 12.31 4.23
CA LYS A 107 -39.35 11.52 3.58
C LYS A 107 -39.82 12.20 2.30
N ARG A 108 -40.12 11.39 1.29
CA ARG A 108 -40.80 11.86 0.10
C ARG A 108 -41.49 10.66 -0.55
N THR A 109 -42.12 10.90 -1.69
CA THR A 109 -42.81 9.82 -2.37
C THR A 109 -41.82 8.99 -3.18
N VAL A 110 -42.18 7.73 -3.41
CA VAL A 110 -41.35 6.84 -4.21
C VAL A 110 -41.12 7.45 -5.58
N ALA A 111 -39.88 7.38 -6.06
CA ALA A 111 -39.52 7.88 -7.37
C ALA A 111 -38.56 6.88 -8.01
N ALA A 112 -38.95 6.36 -9.17
CA ALA A 112 -38.09 5.45 -9.91
C ALA A 112 -36.90 6.22 -10.49
N PRO A 113 -35.78 5.54 -10.73
CA PRO A 113 -34.63 6.22 -11.30
C PRO A 113 -34.73 6.37 -12.80
N SER A 114 -34.09 7.41 -13.31
CA SER A 114 -33.78 7.47 -14.74
C SER A 114 -32.46 6.76 -14.94
N VAL A 115 -32.40 5.85 -15.91
CA VAL A 115 -31.24 5.01 -16.11
C VAL A 115 -30.54 5.41 -17.39
N PHE A 116 -29.22 5.56 -17.32
CA PHE A 116 -28.41 5.90 -18.49
C PHE A 116 -27.14 5.05 -18.48
N ILE A 117 -26.69 4.69 -19.67
CA ILE A 117 -25.46 3.93 -19.84
C ILE A 117 -24.54 4.70 -20.77
N PHE A 118 -23.24 4.65 -20.48
CA PHE A 118 -22.21 5.37 -21.21
C PHE A 118 -21.10 4.39 -21.59
N PRO A 119 -20.88 4.16 -22.88
CA PRO A 119 -19.70 3.39 -23.31
C PRO A 119 -18.42 4.16 -23.02
N PRO A 120 -17.28 3.48 -23.00
CA PRO A 120 -16.01 4.20 -22.78
C PRO A 120 -15.68 5.09 -23.97
N SER A 121 -15.07 6.24 -23.65
CA SER A 121 -14.58 7.14 -24.68
C SER A 121 -13.39 6.52 -25.41
N ASP A 122 -13.26 6.85 -26.70
CA ASP A 122 -12.12 6.37 -27.48
C ASP A 122 -10.80 6.82 -26.89
N GLU A 123 -10.77 8.04 -26.34
CA GLU A 123 -9.54 8.54 -25.70
C GLU A 123 -9.07 7.59 -24.60
N GLN A 124 -10.00 7.10 -23.76
CA GLN A 124 -9.60 6.14 -22.74
C GLN A 124 -9.27 4.78 -23.34
N LEU A 125 -9.98 4.40 -24.41
CA LEU A 125 -9.72 3.12 -25.05
C LEU A 125 -8.31 3.04 -25.59
N LYS A 126 -7.74 4.18 -26.03
CA LYS A 126 -6.34 4.18 -26.45
C LYS A 126 -5.41 3.84 -25.29
N SER A 127 -5.80 4.17 -24.06
CA SER A 127 -4.96 3.88 -22.91
C SER A 127 -4.97 2.40 -22.53
N GLY A 128 -5.83 1.59 -23.15
CA GLY A 128 -5.93 0.19 -22.82
C GLY A 128 -6.94 -0.15 -21.74
N THR A 129 -7.78 0.80 -21.34
CA THR A 129 -8.77 0.59 -20.30
C THR A 129 -10.14 1.04 -20.79
N ALA A 130 -11.16 0.23 -20.50
CA ALA A 130 -12.54 0.55 -20.85
C ALA A 130 -13.37 0.69 -19.59
N SER A 131 -13.89 1.88 -19.35
CA SER A 131 -14.83 2.13 -18.26
C SER A 131 -16.22 2.32 -18.84
N VAL A 132 -17.11 1.40 -18.51
CA VAL A 132 -18.53 1.51 -18.86
C VAL A 132 -19.25 2.05 -17.63
N VAL A 133 -20.06 3.09 -17.81
CA VAL A 133 -20.64 3.79 -16.68
C VAL A 133 -22.16 3.71 -16.75
N CYS A 134 -22.79 3.43 -15.61
CA CYS A 134 -24.23 3.38 -15.50
C CYS A 134 -24.69 4.36 -14.42
N LEU A 135 -25.65 5.21 -14.77
CA LEU A 135 -26.18 6.24 -13.89
C LEU A 135 -27.63 5.96 -13.58
N LEU A 136 -27.96 5.95 -12.29
CA LEU A 136 -29.33 5.90 -11.80
C LEU A 136 -29.60 7.25 -11.18
N ASN A 137 -30.49 8.02 -11.80
CA ASN A 137 -30.67 9.43 -11.49
C ASN A 137 -31.98 9.66 -10.75
N ASN A 138 -31.89 10.31 -9.59
CA ASN A 138 -33.01 10.88 -8.85
C ASN A 138 -34.08 9.82 -8.56
N PHE A 139 -33.69 8.88 -7.70
CA PHE A 139 -34.59 7.84 -7.24
C PHE A 139 -34.79 7.97 -5.73
N TYR A 140 -35.84 7.29 -5.24
CA TYR A 140 -36.20 7.23 -3.83
C TYR A 140 -37.07 6.01 -3.62
N PRO A 141 -36.84 5.21 -2.56
CA PRO A 141 -35.80 5.39 -1.54
C PRO A 141 -34.40 5.00 -2.00
N ARG A 142 -33.46 4.92 -1.05
CA ARG A 142 -32.04 4.87 -1.38
C ARG A 142 -31.62 3.52 -1.96
N GLU A 143 -32.31 2.44 -1.57
CA GLU A 143 -31.87 1.10 -1.94
C GLU A 143 -32.11 0.82 -3.43
N ALA A 144 -31.04 0.39 -4.11
CA ALA A 144 -31.12 0.04 -5.52
C ALA A 144 -30.11 -1.05 -5.81
N LYS A 145 -30.38 -1.83 -6.86
CA LYS A 145 -29.50 -2.92 -7.27
C LYS A 145 -29.10 -2.75 -8.73
N VAL A 146 -27.80 -2.80 -9.00
CA VAL A 146 -27.26 -2.69 -10.35
C VAL A 146 -26.50 -3.96 -10.67
N GLN A 147 -26.85 -4.60 -11.78
CA GLN A 147 -26.15 -5.78 -12.27
C GLN A 147 -25.65 -5.51 -13.68
N TRP A 148 -24.40 -5.89 -13.94
CA TRP A 148 -23.81 -5.76 -15.26
C TRP A 148 -23.90 -7.08 -16.02
N LYS A 149 -24.28 -6.99 -17.29
CA LYS A 149 -24.33 -8.14 -18.19
C LYS A 149 -23.52 -7.84 -19.44
N VAL A 150 -22.56 -8.70 -19.76
CA VAL A 150 -21.72 -8.57 -20.94
C VAL A 150 -22.00 -9.78 -21.82
N ASP A 151 -22.65 -9.54 -22.96
CA ASP A 151 -23.19 -10.62 -23.80
C ASP A 151 -24.04 -11.56 -22.96
N ASN A 152 -24.90 -10.97 -22.13
CA ASN A 152 -25.83 -11.62 -21.21
C ASN A 152 -25.14 -12.35 -20.06
N ALA A 153 -23.81 -12.28 -19.97
CA ALA A 153 -23.08 -12.91 -18.87
C ALA A 153 -23.02 -11.92 -17.70
N LEU A 154 -23.74 -12.25 -16.63
CA LEU A 154 -23.74 -11.41 -15.43
C LEU A 154 -22.33 -11.27 -14.87
N GLN A 155 -21.94 -10.04 -14.56
CA GLN A 155 -20.60 -9.72 -14.08
C GLN A 155 -20.58 -9.61 -12.56
N SER A 156 -19.42 -9.91 -11.98
CA SER A 156 -19.21 -9.74 -10.54
C SER A 156 -17.74 -9.47 -10.29
N GLY A 157 -17.46 -8.59 -9.33
CA GLY A 157 -16.10 -8.30 -8.90
C GLY A 157 -15.36 -7.25 -9.70
N ASN A 158 -15.90 -6.79 -10.84
CA ASN A 158 -15.24 -5.81 -11.68
C ASN A 158 -15.97 -4.47 -11.75
N SER A 159 -16.85 -4.19 -10.80
CA SER A 159 -17.59 -2.94 -10.79
C SER A 159 -17.52 -2.30 -9.40
N GLN A 160 -17.60 -0.97 -9.40
CA GLN A 160 -17.68 -0.20 -8.16
C GLN A 160 -18.76 0.86 -8.31
N GLU A 161 -19.44 1.17 -7.22
CA GLU A 161 -20.50 2.17 -7.26
C GLU A 161 -20.38 3.12 -6.08
N SER A 162 -20.97 4.31 -6.26
CA SER A 162 -21.11 5.26 -5.17
C SER A 162 -22.45 5.96 -5.28
N VAL A 163 -22.95 6.42 -4.14
CA VAL A 163 -24.28 7.00 -4.01
C VAL A 163 -24.16 8.41 -3.44
N THR A 164 -24.95 9.34 -4.00
CA THR A 164 -24.94 10.70 -3.50
C THR A 164 -25.70 10.77 -2.18
N GLU A 165 -25.40 11.82 -1.42
CA GLU A 165 -26.23 12.16 -0.28
C GLU A 165 -27.60 12.62 -0.77
N GLN A 166 -28.56 12.62 0.14
CA GLN A 166 -29.92 12.99 -0.19
C GLN A 166 -29.96 14.43 -0.72
N ASP A 167 -30.54 14.60 -1.89
CA ASP A 167 -30.49 15.89 -2.59
C ASP A 167 -31.20 16.98 -1.78
N SER A 168 -30.59 18.17 -1.74
CA SER A 168 -31.15 19.27 -0.97
C SER A 168 -32.48 19.74 -1.55
N LYS A 169 -32.64 19.68 -2.87
CA LYS A 169 -33.86 20.21 -3.49
C LYS A 169 -35.00 19.19 -3.47
N ASP A 170 -34.78 17.99 -4.01
CA ASP A 170 -35.87 17.05 -4.21
C ASP A 170 -35.81 15.82 -3.32
N SER A 171 -34.78 15.70 -2.48
CA SER A 171 -34.65 14.63 -1.49
C SER A 171 -34.51 13.25 -2.11
N THR A 172 -34.02 13.18 -3.35
CA THR A 172 -33.76 11.91 -4.02
C THR A 172 -32.29 11.53 -3.89
N TYR A 173 -31.98 10.32 -4.31
CA TYR A 173 -30.61 9.83 -4.35
C TYR A 173 -30.23 9.51 -5.80
N SER A 174 -28.93 9.49 -6.06
CA SER A 174 -28.41 9.07 -7.34
C SER A 174 -27.24 8.11 -7.11
N LEU A 175 -27.04 7.23 -8.09
CA LEU A 175 -26.04 6.18 -7.97
C LEU A 175 -25.26 6.08 -9.28
N SER A 176 -23.96 5.90 -9.16
CA SER A 176 -23.08 5.69 -10.31
C SER A 176 -22.35 4.38 -10.13
N SER A 177 -22.39 3.53 -11.16
CA SER A 177 -21.69 2.26 -11.17
C SER A 177 -20.72 2.27 -12.35
N THR A 178 -19.46 1.91 -12.09
CA THR A 178 -18.42 1.85 -13.11
C THR A 178 -17.95 0.42 -13.23
N LEU A 179 -18.08 -0.14 -14.42
CA LEU A 179 -17.50 -1.43 -14.79
C LEU A 179 -16.19 -1.17 -15.52
N THR A 180 -15.11 -1.78 -15.03
CA THR A 180 -13.77 -1.55 -15.60
C THR A 180 -13.26 -2.83 -16.23
N LEU A 181 -12.80 -2.73 -17.47
CA LEU A 181 -12.28 -3.86 -18.22
C LEU A 181 -11.00 -3.45 -18.93
N SER A 182 -10.19 -4.44 -19.29
CA SER A 182 -9.09 -4.18 -20.19
C SER A 182 -9.63 -3.91 -21.60
N LYS A 183 -8.82 -3.21 -22.40
CA LYS A 183 -9.18 -2.97 -23.79
C LYS A 183 -9.41 -4.29 -24.52
N ALA A 184 -8.57 -5.30 -24.26
CA ALA A 184 -8.73 -6.60 -24.90
C ALA A 184 -10.09 -7.22 -24.57
N ASP A 185 -10.37 -7.40 -23.28
CA ASP A 185 -11.65 -8.00 -22.88
C ASP A 185 -12.83 -7.18 -23.39
N TYR A 186 -12.72 -5.86 -23.35
CA TYR A 186 -13.80 -5.01 -23.86
C TYR A 186 -14.07 -5.29 -25.32
N GLU A 187 -13.01 -5.41 -26.12
CA GLU A 187 -13.17 -5.64 -27.55
C GLU A 187 -13.48 -7.09 -27.88
N LYS A 188 -13.49 -7.99 -26.90
CA LYS A 188 -13.91 -9.37 -27.16
C LYS A 188 -15.42 -9.59 -27.04
N HIS A 189 -16.22 -8.57 -26.72
CA HIS A 189 -17.66 -8.74 -26.54
C HIS A 189 -18.42 -7.60 -27.21
N LYS A 190 -19.72 -7.79 -27.40
CA LYS A 190 -20.55 -6.83 -28.14
C LYS A 190 -21.58 -6.13 -27.27
N VAL A 191 -22.48 -6.86 -26.63
CA VAL A 191 -23.61 -6.26 -25.91
C VAL A 191 -23.21 -5.95 -24.48
N TYR A 192 -23.38 -4.70 -24.08
CA TYR A 192 -23.10 -4.26 -22.72
C TYR A 192 -24.38 -3.71 -22.11
N ALA A 193 -24.75 -4.23 -20.93
CA ALA A 193 -26.05 -3.96 -20.35
C ALA A 193 -25.95 -3.67 -18.86
N CYS A 194 -26.69 -2.67 -18.44
CA CYS A 194 -26.88 -2.31 -17.04
C CYS A 194 -28.33 -2.61 -16.67
N GLU A 195 -28.53 -3.46 -15.65
CA GLU A 195 -29.87 -3.84 -15.19
C GLU A 195 -30.10 -3.29 -13.78
N VAL A 196 -31.16 -2.52 -13.64
CA VAL A 196 -31.47 -1.76 -12.43
C VAL A 196 -32.75 -2.33 -11.81
N THR A 197 -32.67 -2.71 -10.54
CA THR A 197 -33.83 -3.10 -9.75
C THR A 197 -34.06 -2.04 -8.68
N HIS A 198 -35.31 -1.59 -8.57
CA HIS A 198 -35.68 -0.53 -7.63
C HIS A 198 -37.17 -0.61 -7.33
N GLN A 199 -37.54 -0.13 -6.13
CA GLN A 199 -38.93 -0.22 -5.67
C GLN A 199 -39.90 0.48 -6.60
N GLY A 200 -39.51 1.66 -7.12
CA GLY A 200 -40.40 2.45 -7.96
C GLY A 200 -40.61 1.89 -9.36
N LEU A 201 -40.00 0.76 -9.67
CA LEU A 201 -40.13 0.12 -10.97
C LEU A 201 -40.98 -1.14 -10.83
N SER A 202 -41.86 -1.36 -11.81
CA SER A 202 -42.68 -2.58 -11.81
C SER A 202 -41.84 -3.81 -12.12
N SER A 203 -40.74 -3.64 -12.83
CA SER A 203 -39.84 -4.73 -13.17
C SER A 203 -38.46 -4.15 -13.39
N PRO A 204 -37.40 -4.98 -13.34
CA PRO A 204 -36.06 -4.45 -13.57
C PRO A 204 -35.93 -3.85 -14.97
N VAL A 205 -35.19 -2.74 -15.05
CA VAL A 205 -34.98 -2.01 -16.29
C VAL A 205 -33.58 -2.29 -16.81
N THR A 206 -33.45 -2.61 -18.09
CA THR A 206 -32.15 -2.83 -18.70
C THR A 206 -31.88 -1.75 -19.75
N LYS A 207 -30.72 -1.11 -19.64
CA LYS A 207 -30.22 -0.20 -20.68
C LYS A 207 -28.94 -0.78 -21.27
N SER A 208 -28.84 -0.78 -22.59
CA SER A 208 -27.77 -1.50 -23.26
C SER A 208 -27.19 -0.69 -24.41
N PHE A 209 -26.03 -1.15 -24.88
CA PHE A 209 -25.43 -0.64 -26.11
C PHE A 209 -24.58 -1.74 -26.73
N ASN A 210 -24.44 -1.67 -28.05
CA ASN A 210 -23.56 -2.58 -28.78
C ASN A 210 -22.27 -1.85 -29.09
N ARG A 211 -21.14 -2.50 -28.85
CA ARG A 211 -19.85 -1.93 -29.20
C ARG A 211 -19.84 -1.62 -30.69
N GLY A 212 -19.96 -0.33 -31.03
CA GLY A 212 -20.04 0.09 -32.41
C GLY A 212 -20.93 1.30 -32.59
N GLU B 1 -9.08 22.17 22.00
CA GLU B 1 -9.96 21.00 22.02
C GLU B 1 -9.15 19.71 21.88
N VAL B 2 -9.66 18.65 22.53
CA VAL B 2 -9.03 17.34 22.44
C VAL B 2 -9.09 16.83 21.02
N GLN B 3 -7.97 16.32 20.52
CA GLN B 3 -7.93 15.78 19.17
C GLN B 3 -7.22 14.43 19.15
N LEU B 4 -7.66 13.57 18.24
CA LEU B 4 -6.99 12.31 17.94
C LEU B 4 -6.80 12.21 16.43
N VAL B 5 -5.74 11.53 16.01
CA VAL B 5 -5.43 11.40 14.59
C VAL B 5 -4.91 9.98 14.33
N GLU B 6 -5.59 9.26 13.44
CA GLU B 6 -5.12 7.96 13.01
C GLU B 6 -4.11 8.11 11.88
N SER B 7 -3.33 7.04 11.68
CA SER B 7 -2.32 7.01 10.66
C SER B 7 -2.10 5.56 10.25
N GLY B 8 -1.92 5.33 8.95
CA GLY B 8 -1.51 4.01 8.47
C GLY B 8 -2.49 3.24 7.62
N GLY B 9 -3.70 3.76 7.39
CA GLY B 9 -4.66 3.04 6.55
C GLY B 9 -4.17 2.86 5.11
N GLY B 10 -4.95 2.12 4.33
CA GLY B 10 -4.65 1.95 2.93
C GLY B 10 -5.20 0.65 2.36
N LEU B 11 -4.58 0.24 1.24
CA LEU B 11 -4.98 -0.93 0.47
C LEU B 11 -4.17 -2.14 0.91
N VAL B 12 -4.84 -3.21 1.29
CA VAL B 12 -4.18 -4.44 1.71
C VAL B 12 -4.77 -5.59 0.92
N LYS B 13 -3.94 -6.58 0.64
CA LYS B 13 -4.43 -7.79 0.02
C LYS B 13 -4.77 -8.82 1.11
N ALA B 14 -5.83 -9.60 0.83
CA ALA B 14 -6.29 -10.60 1.78
C ALA B 14 -5.13 -11.48 2.26
N GLY B 15 -5.09 -11.72 3.57
CA GLY B 15 -4.01 -12.47 4.18
C GLY B 15 -2.83 -11.64 4.63
N GLY B 16 -2.76 -10.38 4.24
CA GLY B 16 -1.65 -9.51 4.61
C GLY B 16 -1.84 -8.89 5.98
N SER B 17 -0.98 -7.91 6.26
CA SER B 17 -0.92 -7.25 7.56
C SER B 17 -0.83 -5.74 7.37
N LEU B 18 -1.35 -5.01 8.37
CA LEU B 18 -1.22 -3.57 8.40
C LEU B 18 -1.30 -3.11 9.85
N ILE B 19 -0.49 -2.12 10.20
CA ILE B 19 -0.50 -1.57 11.55
C ILE B 19 -0.95 -0.12 11.48
N LEU B 20 -1.94 0.22 12.28
CA LEU B 20 -2.43 1.58 12.43
C LEU B 20 -1.85 2.18 13.69
N SER B 21 -1.77 3.50 13.70
CA SER B 21 -1.26 4.27 14.83
C SER B 21 -2.22 5.41 15.09
N CYS B 22 -2.19 5.91 16.32
CA CYS B 22 -3.05 7.01 16.72
C CYS B 22 -2.25 7.92 17.63
N GLY B 23 -2.14 9.19 17.23
CA GLY B 23 -1.57 10.23 18.07
C GLY B 23 -2.68 11.13 18.60
N VAL B 24 -2.34 11.92 19.61
CA VAL B 24 -3.32 12.76 20.26
C VAL B 24 -2.79 14.18 20.42
N SER B 25 -3.71 15.10 20.67
CA SER B 25 -3.39 16.50 20.90
C SER B 25 -4.25 17.01 22.05
N ASN B 26 -3.61 17.71 22.98
CA ASN B 26 -4.24 18.43 24.09
C ASN B 26 -4.75 17.54 25.22
N PHE B 27 -4.20 16.34 25.38
CA PHE B 27 -4.43 15.55 26.58
C PHE B 27 -3.43 14.39 26.58
N ARG B 28 -3.35 13.71 27.72
CA ARG B 28 -2.53 12.51 27.86
C ARG B 28 -3.43 11.28 27.88
N ILE B 29 -2.95 10.19 27.28
CA ILE B 29 -3.75 8.97 27.24
C ILE B 29 -3.63 8.14 28.51
N SER B 30 -2.66 8.45 29.38
CA SER B 30 -2.31 7.55 30.48
C SER B 30 -3.52 7.19 31.34
N ALA B 31 -4.40 8.16 31.59
CA ALA B 31 -5.56 7.91 32.44
C ALA B 31 -6.75 7.35 31.68
N HIS B 32 -6.66 7.16 30.36
CA HIS B 32 -7.81 6.76 29.55
C HIS B 32 -7.64 5.36 28.98
N THR B 33 -8.68 4.54 29.13
CA THR B 33 -8.83 3.35 28.32
C THR B 33 -9.02 3.77 26.86
N MET B 34 -8.21 3.21 25.95
CA MET B 34 -8.24 3.59 24.55
C MET B 34 -8.84 2.47 23.71
N ASN B 35 -9.52 2.84 22.63
CA ASN B 35 -10.31 1.89 21.86
C ASN B 35 -10.11 2.08 20.36
N TRP B 36 -10.30 0.99 19.64
CA TRP B 36 -10.41 1.00 18.19
C TRP B 36 -11.81 0.58 17.81
N VAL B 37 -12.45 1.38 16.96
CA VAL B 37 -13.80 1.13 16.44
C VAL B 37 -13.73 1.25 14.92
N ARG B 38 -14.57 0.49 14.22
CA ARG B 38 -14.59 0.59 12.76
C ARG B 38 -16.02 0.72 12.25
N ARG B 39 -16.18 1.52 11.19
CA ARG B 39 -17.44 1.62 10.46
C ARG B 39 -17.33 0.82 9.17
N VAL B 40 -18.17 -0.19 9.03
CA VAL B 40 -18.17 -1.09 7.89
C VAL B 40 -18.94 -0.44 6.75
N PRO B 41 -18.75 -0.89 5.50
CA PRO B 41 -19.49 -0.27 4.37
C PRO B 41 -20.99 -0.27 4.55
N GLY B 42 -21.56 -1.26 5.24
CA GLY B 42 -22.99 -1.26 5.54
C GLY B 42 -23.45 -0.07 6.34
N GLY B 43 -22.54 0.64 7.02
CA GLY B 43 -22.85 1.87 7.72
C GLY B 43 -22.82 1.77 9.23
N GLY B 44 -22.86 0.56 9.78
CA GLY B 44 -22.83 0.40 11.22
C GLY B 44 -21.42 0.44 11.78
N LEU B 45 -21.36 0.69 13.09
CA LEU B 45 -20.11 0.71 13.85
C LEU B 45 -19.90 -0.64 14.53
N GLU B 46 -18.64 -1.09 14.56
CA GLU B 46 -18.23 -2.30 15.26
C GLU B 46 -17.10 -1.96 16.21
N TRP B 47 -17.26 -2.30 17.47
CA TRP B 47 -16.14 -2.21 18.41
C TRP B 47 -15.07 -3.23 18.02
N VAL B 48 -13.82 -2.77 17.96
CA VAL B 48 -12.75 -3.65 17.52
C VAL B 48 -11.91 -4.07 18.72
N ALA B 49 -11.41 -3.09 19.47
CA ALA B 49 -10.43 -3.42 20.50
C ALA B 49 -10.42 -2.37 21.59
N SER B 50 -9.97 -2.80 22.77
CA SER B 50 -9.89 -1.93 23.94
C SER B 50 -8.62 -2.27 24.71
N ILE B 51 -7.91 -1.24 25.16
CA ILE B 51 -6.73 -1.42 26.01
C ILE B 51 -6.85 -0.48 27.20
N SER B 52 -6.86 -1.04 28.40
CA SER B 52 -7.06 -0.29 29.63
C SER B 52 -5.80 0.50 29.99
N THR B 53 -5.92 1.32 31.03
CA THR B 53 -4.76 2.00 31.57
C THR B 53 -3.71 0.98 32.01
N SER B 54 -2.43 1.33 31.81
CA SER B 54 -1.30 0.46 32.14
C SER B 54 -1.31 -0.86 31.36
N SER B 55 -2.11 -0.96 30.30
CA SER B 55 -2.23 -2.18 29.50
C SER B 55 -2.66 -3.38 30.33
N THR B 56 -3.33 -3.13 31.45
CA THR B 56 -3.74 -4.21 32.34
C THR B 56 -4.71 -5.17 31.67
N TYR B 57 -5.68 -4.64 30.94
CA TYR B 57 -6.65 -5.46 30.22
C TYR B 57 -6.66 -5.10 28.74
N ARG B 58 -6.67 -6.12 27.90
CA ARG B 58 -6.77 -5.97 26.45
C ARG B 58 -7.91 -6.85 25.98
N ASP B 59 -8.90 -6.26 25.33
CA ASP B 59 -10.10 -6.96 24.89
C ASP B 59 -10.31 -6.77 23.39
N TYR B 60 -10.84 -7.81 22.75
CA TYR B 60 -11.01 -7.83 21.31
C TYR B 60 -12.40 -8.35 20.95
N ALA B 61 -12.96 -7.81 19.87
CA ALA B 61 -14.13 -8.41 19.27
C ALA B 61 -13.81 -9.82 18.78
N ASP B 62 -14.82 -10.68 18.81
CA ASP B 62 -14.63 -12.07 18.39
C ASP B 62 -14.16 -12.16 16.94
N ALA B 63 -14.64 -11.26 16.08
CA ALA B 63 -14.29 -11.33 14.66
C ALA B 63 -12.81 -11.11 14.40
N VAL B 64 -12.10 -10.48 15.33
CA VAL B 64 -10.69 -10.13 15.17
C VAL B 64 -9.80 -10.80 16.19
N LYS B 65 -10.37 -11.54 17.13
CA LYS B 65 -9.56 -12.19 18.16
C LYS B 65 -8.59 -13.18 17.53
N GLY B 66 -7.33 -13.10 17.93
CA GLY B 66 -6.30 -13.93 17.35
C GLY B 66 -5.61 -13.35 16.15
N ARG B 67 -6.16 -12.30 15.55
CA ARG B 67 -5.57 -11.64 14.40
C ARG B 67 -5.14 -10.21 14.67
N PHE B 68 -5.75 -9.54 15.64
CA PHE B 68 -5.45 -8.14 15.94
C PHE B 68 -4.74 -8.04 17.28
N THR B 69 -3.95 -7.00 17.43
CA THR B 69 -3.30 -6.67 18.69
C THR B 69 -3.41 -5.18 18.92
N VAL B 70 -3.77 -4.77 20.13
CA VAL B 70 -3.81 -3.36 20.49
C VAL B 70 -2.69 -3.09 21.48
N SER B 71 -2.01 -1.96 21.29
CA SER B 71 -0.89 -1.56 22.14
C SER B 71 -1.02 -0.09 22.47
N ARG B 72 -0.36 0.32 23.56
CA ARG B 72 -0.35 1.72 23.95
C ARG B 72 1.06 2.13 24.37
N ASP B 73 1.35 3.42 24.19
CA ASP B 73 2.63 4.06 24.49
C ASP B 73 2.27 5.32 25.26
N ASP B 74 2.24 5.21 26.59
CA ASP B 74 1.79 6.32 27.44
C ASP B 74 2.82 7.45 27.48
N LEU B 75 4.11 7.13 27.40
CA LEU B 75 5.12 8.16 27.52
C LEU B 75 5.08 9.13 26.34
N GLU B 76 4.75 8.64 25.14
CA GLU B 76 4.63 9.48 23.95
C GLU B 76 3.21 9.60 23.43
N ASP B 77 2.23 9.00 24.12
CA ASP B 77 0.81 9.15 23.78
C ASP B 77 0.51 8.62 22.36
N PHE B 78 0.68 7.31 22.21
CA PHE B 78 0.35 6.66 20.96
C PHE B 78 -0.44 5.38 21.24
N VAL B 79 -1.35 5.05 20.34
CA VAL B 79 -2.06 3.78 20.39
C VAL B 79 -1.79 3.06 19.08
N TYR B 80 -1.70 1.73 19.13
CA TYR B 80 -1.38 0.94 17.96
C TYR B 80 -2.40 -0.17 17.78
N LEU B 81 -2.67 -0.50 16.52
CA LEU B 81 -3.51 -1.64 16.16
C LEU B 81 -2.81 -2.44 15.07
N GLN B 82 -2.34 -3.63 15.43
CA GLN B 82 -1.81 -4.60 14.49
C GLN B 82 -2.96 -5.41 13.93
N MET B 83 -3.03 -5.53 12.61
CA MET B 83 -4.04 -6.34 11.94
C MET B 83 -3.31 -7.35 11.05
N HIS B 84 -3.47 -8.64 11.36
CA HIS B 84 -2.86 -9.72 10.61
C HIS B 84 -3.93 -10.62 10.00
N LYS B 85 -3.51 -11.36 8.96
CA LYS B 85 -4.38 -12.32 8.28
C LYS B 85 -5.71 -11.67 7.90
N MET B 86 -5.61 -10.49 7.28
CA MET B 86 -6.80 -9.68 7.08
C MET B 86 -7.75 -10.30 6.07
N ARG B 87 -9.04 -10.14 6.35
CA ARG B 87 -10.13 -10.63 5.49
C ARG B 87 -10.83 -9.45 4.84
N VAL B 88 -11.61 -9.77 3.79
CA VAL B 88 -12.36 -8.73 3.10
C VAL B 88 -13.30 -8.00 4.05
N GLU B 89 -13.88 -8.73 5.00
CA GLU B 89 -14.81 -8.10 5.93
C GLU B 89 -14.12 -7.22 6.97
N ASP B 90 -12.78 -7.12 6.95
CA ASP B 90 -12.10 -6.10 7.72
C ASP B 90 -12.11 -4.74 7.06
N THR B 91 -12.63 -4.64 5.83
CA THR B 91 -12.72 -3.37 5.14
C THR B 91 -13.62 -2.42 5.90
N ALA B 92 -13.10 -1.23 6.23
CA ALA B 92 -13.83 -0.30 7.09
C ALA B 92 -13.04 0.99 7.25
N ILE B 93 -13.69 1.99 7.84
CA ILE B 93 -13.00 3.16 8.37
C ILE B 93 -12.69 2.90 9.83
N TYR B 94 -11.45 3.12 10.23
CA TYR B 94 -10.98 2.81 11.58
C TYR B 94 -10.74 4.10 12.35
N TYR B 95 -11.37 4.20 13.51
CA TYR B 95 -11.23 5.33 14.42
C TYR B 95 -10.60 4.85 15.71
N CYS B 96 -9.79 5.72 16.31
CA CYS B 96 -9.34 5.57 17.69
CA CYS B 96 -9.37 5.55 17.68
C CYS B 96 -10.22 6.46 18.56
N ALA B 97 -10.73 5.89 19.65
CA ALA B 97 -11.67 6.58 20.50
C ALA B 97 -11.21 6.52 21.95
N ARG B 98 -11.43 7.62 22.65
CA ARG B 98 -11.08 7.71 24.05
C ARG B 98 -12.31 7.38 24.87
N LYS B 99 -12.14 6.53 25.88
CA LYS B 99 -13.15 6.34 26.91
C LYS B 99 -12.90 7.40 27.97
N GLY B 100 -13.86 8.30 28.16
CA GLY B 100 -13.66 9.39 29.10
C GLY B 100 -14.90 10.23 29.24
N SER B 101 -14.80 11.21 30.13
CA SER B 101 -15.88 12.15 30.44
C SER B 101 -15.25 13.32 31.20
N ASP B 102 -16.07 14.32 31.52
CA ASP B 102 -15.61 15.46 32.30
C ASP B 102 -14.96 15.02 33.61
N ARG B 103 -15.59 14.07 34.30
CA ARG B 103 -15.01 13.44 35.48
C ARG B 103 -14.88 11.95 35.19
N LEU B 104 -13.69 11.40 35.40
CA LEU B 104 -13.44 10.01 35.07
C LEU B 104 -14.09 9.09 36.10
N SER B 105 -14.85 8.13 35.62
CA SER B 105 -15.48 7.09 36.42
C SER B 105 -15.00 5.73 35.92
N ASP B 106 -15.52 4.67 36.53
CA ASP B 106 -15.15 3.32 36.14
C ASP B 106 -15.78 2.87 34.82
N ASN B 107 -16.75 3.62 34.28
CA ASN B 107 -17.39 3.22 33.01
C ASN B 107 -17.96 4.47 32.34
N ASP B 108 -17.17 5.06 31.43
CA ASP B 108 -17.53 6.25 30.67
C ASP B 108 -17.73 5.91 29.19
N PRO B 109 -18.47 6.74 28.45
CA PRO B 109 -18.65 6.52 27.01
C PRO B 109 -17.44 7.00 26.22
N PHE B 110 -17.50 6.83 24.91
CA PHE B 110 -16.42 7.26 24.02
C PHE B 110 -16.63 8.73 23.69
N ASP B 111 -15.95 9.62 24.41
CA ASP B 111 -16.21 11.04 24.29
C ASP B 111 -15.32 11.77 23.30
N ALA B 112 -14.30 11.11 22.73
CA ALA B 112 -13.47 11.75 21.73
C ALA B 112 -13.07 10.74 20.66
N TRP B 113 -13.18 11.13 19.40
CA TRP B 113 -12.88 10.26 18.27
C TRP B 113 -11.93 10.95 17.31
N GLY B 114 -11.04 10.17 16.71
CA GLY B 114 -10.29 10.64 15.57
C GLY B 114 -11.15 10.68 14.33
N PRO B 115 -10.60 11.25 13.26
CA PRO B 115 -11.40 11.37 12.02
C PRO B 115 -11.56 10.05 11.28
N GLY B 116 -10.74 9.06 11.56
CA GLY B 116 -10.85 7.78 10.89
C GLY B 116 -9.89 7.66 9.72
N THR B 117 -9.45 6.44 9.46
CA THR B 117 -8.60 6.14 8.32
C THR B 117 -9.14 4.93 7.58
N VAL B 118 -9.10 4.99 6.26
CA VAL B 118 -9.77 4.01 5.42
C VAL B 118 -8.84 2.82 5.22
N VAL B 119 -9.34 1.62 5.52
CA VAL B 119 -8.60 0.38 5.31
C VAL B 119 -9.46 -0.49 4.42
N THR B 120 -8.93 -0.87 3.27
CA THR B 120 -9.69 -1.69 2.35
C THR B 120 -8.88 -2.94 2.02
N VAL B 121 -9.52 -4.09 2.14
CA VAL B 121 -8.88 -5.38 1.93
C VAL B 121 -9.46 -5.97 0.66
N SER B 122 -8.61 -6.16 -0.35
CA SER B 122 -9.06 -6.70 -1.63
C SER B 122 -9.16 -8.22 -1.55
N PRO B 123 -10.14 -8.82 -2.24
CA PRO B 123 -10.28 -10.28 -2.18
C PRO B 123 -9.13 -11.02 -2.84
N ALA B 124 -8.48 -10.42 -3.83
CA ALA B 124 -7.46 -11.11 -4.62
C ALA B 124 -6.15 -11.10 -3.84
N SER B 125 -5.85 -12.22 -3.18
CA SER B 125 -4.58 -12.37 -2.47
C SER B 125 -3.41 -12.63 -3.42
N THR B 126 -3.67 -13.11 -4.63
CA THR B 126 -2.65 -13.32 -5.63
C THR B 126 -3.11 -12.80 -6.98
N LYS B 127 -2.15 -12.54 -7.86
CA LYS B 127 -2.41 -12.07 -9.22
C LYS B 127 -1.39 -12.72 -10.16
N GLY B 128 -1.88 -13.20 -11.30
CA GLY B 128 -1.04 -13.89 -12.26
C GLY B 128 -0.38 -12.94 -13.24
N PRO B 129 0.79 -13.34 -13.73
CA PRO B 129 1.57 -12.46 -14.58
C PRO B 129 1.11 -12.45 -16.03
N SER B 130 1.39 -11.35 -16.71
CA SER B 130 1.37 -11.31 -18.16
C SER B 130 2.78 -11.58 -18.67
N VAL B 131 2.89 -12.31 -19.77
CA VAL B 131 4.18 -12.70 -20.32
C VAL B 131 4.27 -12.16 -21.74
N PHE B 132 5.28 -11.32 -22.00
CA PHE B 132 5.50 -10.78 -23.33
C PHE B 132 6.86 -11.22 -23.87
N PRO B 133 6.99 -11.39 -25.19
CA PRO B 133 8.28 -11.80 -25.73
C PRO B 133 9.23 -10.62 -25.87
N LEU B 134 10.48 -10.86 -25.49
CA LEU B 134 11.59 -9.98 -25.82
C LEU B 134 12.22 -10.61 -27.05
N ALA B 135 11.71 -10.21 -28.22
CA ALA B 135 11.95 -10.86 -29.51
C ALA B 135 13.26 -10.39 -30.13
N PRO B 136 14.01 -11.31 -30.76
CA PRO B 136 15.24 -11.03 -31.52
C PRO B 136 14.94 -10.30 -32.84
N SER B 142 23.66 -9.86 -33.33
CA SER B 142 25.07 -9.50 -33.47
C SER B 142 25.77 -10.41 -34.47
N GLY B 143 26.98 -10.81 -34.11
CA GLY B 143 27.73 -11.72 -34.95
C GLY B 143 27.05 -13.07 -34.99
N GLY B 144 27.36 -13.92 -34.01
CA GLY B 144 26.73 -15.22 -33.94
C GLY B 144 25.73 -15.32 -32.83
N THR B 145 25.82 -14.44 -31.85
CA THR B 145 24.99 -14.51 -30.64
C THR B 145 23.79 -13.58 -30.75
N ALA B 146 22.61 -14.15 -30.55
CA ALA B 146 21.37 -13.40 -30.44
C ALA B 146 20.81 -13.59 -29.05
N ALA B 147 20.06 -12.62 -28.57
CA ALA B 147 19.42 -12.73 -27.26
C ALA B 147 17.92 -12.67 -27.45
N LEU B 148 17.22 -13.52 -26.71
CA LEU B 148 15.77 -13.42 -26.67
C LEU B 148 15.35 -13.66 -25.23
N GLY B 149 14.08 -13.40 -24.95
CA GLY B 149 13.66 -13.53 -23.58
C GLY B 149 12.17 -13.34 -23.41
N CYS B 150 11.78 -13.22 -22.14
CA CYS B 150 10.40 -13.08 -21.70
C CYS B 150 10.31 -12.06 -20.59
N LEU B 151 9.37 -11.14 -20.73
CA LEU B 151 9.06 -10.14 -19.73
C LEU B 151 7.84 -10.63 -18.95
N VAL B 152 8.04 -10.92 -17.67
CA VAL B 152 7.01 -11.46 -16.79
C VAL B 152 6.57 -10.31 -15.88
N LYS B 153 5.41 -9.72 -16.19
CA LYS B 153 5.02 -8.43 -15.65
C LYS B 153 3.73 -8.54 -14.84
N ASP B 154 3.66 -7.72 -13.78
CA ASP B 154 2.42 -7.43 -13.06
C ASP B 154 1.85 -8.67 -12.36
N TYR B 155 2.68 -9.33 -11.57
CA TYR B 155 2.23 -10.46 -10.77
C TYR B 155 2.41 -10.16 -9.27
N PHE B 156 1.83 -11.02 -8.45
CA PHE B 156 1.91 -10.91 -6.99
C PHE B 156 1.41 -12.19 -6.33
N PRO B 157 2.11 -12.69 -5.30
CA PRO B 157 3.41 -12.17 -4.87
C PRO B 157 4.57 -12.95 -5.50
N GLU B 158 5.76 -12.78 -4.95
CA GLU B 158 6.88 -13.62 -5.34
C GLU B 158 6.67 -15.05 -4.84
N PRO B 159 7.34 -16.04 -5.44
CA PRO B 159 8.23 -15.95 -6.61
C PRO B 159 7.61 -16.46 -7.90
N VAL B 160 8.32 -16.21 -8.99
CA VAL B 160 8.02 -16.78 -10.29
C VAL B 160 9.25 -17.56 -10.73
N THR B 161 9.01 -18.72 -11.37
CA THR B 161 10.07 -19.54 -11.92
C THR B 161 9.97 -19.50 -13.44
N VAL B 162 11.12 -19.49 -14.12
CA VAL B 162 11.14 -19.47 -15.57
C VAL B 162 12.13 -20.53 -16.05
N SER B 163 11.70 -21.34 -17.02
CA SER B 163 12.59 -22.26 -17.72
C SER B 163 12.45 -22.03 -19.22
N TRP B 164 13.43 -22.52 -19.97
CA TRP B 164 13.43 -22.38 -21.42
C TRP B 164 13.41 -23.76 -22.07
N ASN B 165 12.44 -23.97 -22.96
CA ASN B 165 12.25 -25.25 -23.65
C ASN B 165 12.08 -26.39 -22.64
N SER B 166 11.26 -26.16 -21.62
CA SER B 166 10.90 -27.14 -20.60
C SER B 166 12.12 -27.68 -19.86
N GLY B 167 13.22 -26.95 -19.83
CA GLY B 167 14.44 -27.38 -19.19
C GLY B 167 15.55 -27.77 -20.13
N ALA B 168 15.26 -27.94 -21.43
CA ALA B 168 16.30 -28.32 -22.37
C ALA B 168 17.39 -27.26 -22.47
N LEU B 169 16.99 -26.00 -22.52
CA LEU B 169 17.91 -24.88 -22.69
C LEU B 169 18.19 -24.27 -21.32
N THR B 170 19.38 -24.53 -20.80
CA THR B 170 19.80 -23.95 -19.52
C THR B 170 21.08 -23.13 -19.61
N SER B 171 21.97 -23.44 -20.54
CA SER B 171 23.20 -22.68 -20.67
C SER B 171 22.91 -21.31 -21.25
N GLY B 172 23.47 -20.28 -20.64
CA GLY B 172 23.26 -18.93 -21.09
C GLY B 172 21.98 -18.27 -20.61
N VAL B 173 21.25 -18.91 -19.71
CA VAL B 173 19.96 -18.41 -19.24
C VAL B 173 20.18 -17.56 -18.01
N HIS B 174 19.61 -16.35 -18.02
CA HIS B 174 19.64 -15.46 -16.87
C HIS B 174 18.21 -15.06 -16.52
N THR B 175 17.74 -15.46 -15.34
CA THR B 175 16.47 -14.99 -14.80
C THR B 175 16.78 -13.98 -13.70
N PHE B 176 16.31 -12.73 -13.90
CA PHE B 176 16.76 -11.62 -13.08
C PHE B 176 15.91 -11.50 -11.81
N PRO B 177 16.48 -10.93 -10.74
CA PRO B 177 15.68 -10.62 -9.56
C PRO B 177 14.49 -9.74 -9.91
N ALA B 178 13.34 -10.07 -9.35
CA ALA B 178 12.14 -9.30 -9.61
C ALA B 178 12.31 -7.87 -9.12
N VAL B 179 11.49 -6.99 -9.68
CA VAL B 179 11.47 -5.58 -9.34
C VAL B 179 10.05 -5.21 -8.95
N LEU B 180 9.91 -4.33 -7.94
CA LEU B 180 8.61 -3.92 -7.44
C LEU B 180 8.25 -2.57 -8.04
N GLN B 181 7.16 -2.53 -8.79
CA GLN B 181 6.72 -1.32 -9.48
C GLN B 181 5.83 -0.46 -8.58
N SER B 182 5.56 0.76 -9.05
CA SER B 182 4.72 1.70 -8.31
C SER B 182 3.28 1.20 -8.16
N SER B 183 2.86 0.25 -8.99
CA SER B 183 1.53 -0.33 -8.87
C SER B 183 1.42 -1.35 -7.73
N GLY B 184 2.52 -1.71 -7.09
CA GLY B 184 2.49 -2.77 -6.11
C GLY B 184 2.60 -4.17 -6.67
N LEU B 185 2.95 -4.30 -7.95
CA LEU B 185 3.07 -5.58 -8.62
C LEU B 185 4.50 -5.79 -9.07
N TYR B 186 4.93 -7.05 -9.06
CA TYR B 186 6.30 -7.40 -9.39
C TYR B 186 6.49 -7.59 -10.89
N SER B 187 7.71 -7.40 -11.34
CA SER B 187 8.05 -7.58 -12.74
C SER B 187 9.49 -8.07 -12.84
N LEU B 188 9.73 -9.02 -13.73
CA LEU B 188 11.07 -9.49 -13.99
C LEU B 188 11.20 -9.84 -15.46
N SER B 189 12.42 -10.18 -15.86
CA SER B 189 12.67 -10.66 -17.21
C SER B 189 13.62 -11.85 -17.12
N SER B 190 13.52 -12.70 -18.13
CA SER B 190 14.39 -13.87 -18.27
C SER B 190 14.90 -13.89 -19.69
N VAL B 191 16.22 -13.99 -19.85
CA VAL B 191 16.85 -13.93 -21.17
C VAL B 191 17.72 -15.15 -21.39
N VAL B 192 17.99 -15.43 -22.66
CA VAL B 192 18.91 -16.47 -23.06
C VAL B 192 19.60 -16.04 -24.36
N THR B 193 20.88 -16.36 -24.46
CA THR B 193 21.66 -16.11 -25.66
C THR B 193 21.83 -17.42 -26.42
N VAL B 194 21.55 -17.37 -27.72
CA VAL B 194 21.60 -18.54 -28.59
C VAL B 194 22.38 -18.19 -29.84
N PRO B 195 22.85 -19.20 -30.58
CA PRO B 195 23.43 -18.89 -31.91
C PRO B 195 22.37 -18.29 -32.83
N SER B 196 22.74 -17.16 -33.44
CA SER B 196 21.79 -16.45 -34.30
C SER B 196 21.36 -17.29 -35.48
N SER B 197 22.21 -18.21 -35.95
CA SER B 197 21.87 -19.07 -37.08
C SER B 197 20.78 -20.07 -36.76
N SER B 198 20.31 -20.14 -35.52
CA SER B 198 19.25 -21.06 -35.14
C SER B 198 17.91 -20.37 -34.95
N LEU B 199 17.83 -19.07 -35.24
CA LEU B 199 16.59 -18.34 -35.01
C LEU B 199 15.49 -18.71 -35.99
N GLY B 200 15.84 -19.29 -37.14
CA GLY B 200 14.88 -19.73 -38.12
C GLY B 200 14.55 -21.20 -38.13
N THR B 201 15.21 -21.99 -37.28
CA THR B 201 14.98 -23.44 -37.26
C THR B 201 14.63 -23.93 -35.86
N GLN B 202 15.06 -23.20 -34.83
CA GLN B 202 14.83 -23.57 -33.44
C GLN B 202 13.67 -22.77 -32.87
N THR B 203 12.75 -23.48 -32.22
CA THR B 203 11.67 -22.84 -31.48
C THR B 203 12.13 -22.56 -30.05
N TYR B 204 11.76 -21.39 -29.55
CA TYR B 204 12.12 -20.96 -28.20
C TYR B 204 10.86 -20.62 -27.43
N ILE B 205 10.64 -21.33 -26.33
CA ILE B 205 9.46 -21.15 -25.50
C ILE B 205 9.92 -20.97 -24.07
N CYS B 206 9.48 -19.88 -23.44
CA CYS B 206 9.70 -19.69 -22.03
C CYS B 206 8.50 -20.23 -21.27
N ASN B 207 8.78 -21.00 -20.23
CA ASN B 207 7.78 -21.64 -19.38
C ASN B 207 7.81 -20.87 -18.07
N VAL B 208 6.78 -20.08 -17.84
CA VAL B 208 6.64 -19.25 -16.66
C VAL B 208 5.67 -19.94 -15.70
N ASN B 209 6.12 -20.14 -14.47
CA ASN B 209 5.33 -20.82 -13.44
C ASN B 209 5.23 -19.91 -12.22
N HIS B 210 4.02 -19.51 -11.88
CA HIS B 210 3.72 -18.70 -10.71
C HIS B 210 2.88 -19.58 -9.78
N LYS B 211 3.57 -20.30 -8.89
CA LYS B 211 2.89 -21.23 -8.00
C LYS B 211 1.93 -20.58 -7.01
N PRO B 212 2.19 -19.37 -6.46
CA PRO B 212 1.18 -18.73 -5.58
C PRO B 212 -0.19 -18.60 -6.21
N SER B 213 -0.26 -18.56 -7.55
CA SER B 213 -1.56 -18.57 -8.24
C SER B 213 -1.72 -19.80 -9.12
N ASN B 214 -0.78 -20.75 -9.07
CA ASN B 214 -0.81 -21.97 -9.88
C ASN B 214 -0.95 -21.68 -11.37
N THR B 215 -0.34 -20.59 -11.82
CA THR B 215 -0.43 -20.17 -13.22
C THR B 215 0.78 -20.68 -13.99
N LYS B 216 0.52 -21.35 -15.10
CA LYS B 216 1.57 -21.74 -16.02
C LYS B 216 1.28 -21.10 -17.38
N VAL B 217 2.32 -20.50 -17.97
CA VAL B 217 2.21 -19.87 -19.27
C VAL B 217 3.43 -20.28 -20.09
N ASP B 218 3.18 -20.76 -21.31
CA ASP B 218 4.24 -21.01 -22.27
C ASP B 218 4.14 -19.95 -23.36
N LYS B 219 5.25 -19.27 -23.61
CA LYS B 219 5.27 -18.22 -24.62
C LYS B 219 6.38 -18.50 -25.61
N LYS B 220 6.02 -18.61 -26.88
CA LYS B 220 6.99 -18.75 -27.94
C LYS B 220 7.55 -17.38 -28.30
N VAL B 221 8.87 -17.31 -28.48
CA VAL B 221 9.54 -16.05 -28.76
C VAL B 221 10.17 -16.17 -30.15
N GLU B 222 9.48 -15.64 -31.15
CA GLU B 222 9.98 -15.59 -32.52
C GLU B 222 10.36 -14.16 -32.89
N PRO B 223 11.23 -13.98 -33.90
CA PRO B 223 11.68 -12.64 -34.31
C PRO B 223 10.55 -11.71 -34.71
N VAL C 2 30.79 10.08 14.83
CA VAL C 2 31.65 8.95 14.53
C VAL C 2 31.32 8.36 13.16
N VAL C 3 32.31 8.29 12.28
CA VAL C 3 32.13 7.79 10.93
C VAL C 3 32.99 6.54 10.75
N MET C 4 32.39 5.46 10.28
CA MET C 4 33.09 4.22 10.02
C MET C 4 33.30 4.07 8.52
N THR C 5 34.52 3.73 8.12
CA THR C 5 34.88 3.60 6.72
C THR C 5 35.52 2.23 6.50
N GLN C 6 34.90 1.42 5.65
CA GLN C 6 35.45 0.12 5.32
C GLN C 6 36.33 0.21 4.07
N SER C 7 37.26 -0.72 3.97
CA SER C 7 38.22 -0.75 2.89
C SER C 7 38.67 -2.19 2.61
N PRO C 8 38.53 -2.68 1.38
CA PRO C 8 37.91 -1.96 0.25
C PRO C 8 36.39 -2.07 0.25
N SER C 9 35.73 -1.42 -0.70
CA SER C 9 34.29 -1.58 -0.84
C SER C 9 33.94 -2.91 -1.48
N THR C 10 34.81 -3.40 -2.37
CA THR C 10 34.66 -4.71 -2.98
C THR C 10 36.00 -5.42 -2.87
N LEU C 11 35.97 -6.68 -2.43
CA LEU C 11 37.19 -7.47 -2.27
C LEU C 11 37.05 -8.72 -3.12
N SER C 12 37.91 -8.84 -4.12
CA SER C 12 37.91 -9.98 -5.02
C SER C 12 38.97 -10.98 -4.58
N ALA C 13 38.58 -12.24 -4.49
CA ALA C 13 39.49 -13.26 -3.99
C ALA C 13 39.04 -14.62 -4.50
N SER C 14 39.86 -15.62 -4.23
CA SER C 14 39.60 -17.00 -4.63
C SER C 14 39.49 -17.88 -3.39
N VAL C 15 38.85 -19.04 -3.58
CA VAL C 15 38.77 -20.02 -2.50
C VAL C 15 40.17 -20.39 -2.02
N GLY C 16 40.32 -20.54 -0.71
CA GLY C 16 41.58 -20.88 -0.10
C GLY C 16 42.47 -19.70 0.23
N ASP C 17 42.10 -18.50 -0.20
CA ASP C 17 42.89 -17.31 0.08
C ASP C 17 42.72 -16.85 1.52
N THR C 18 43.62 -15.97 1.93
CA THR C 18 43.53 -15.22 3.18
C THR C 18 43.33 -13.76 2.83
N ILE C 19 42.28 -13.16 3.40
CA ILE C 19 41.91 -11.79 3.04
C ILE C 19 41.70 -10.96 4.30
N THR C 20 41.87 -9.66 4.15
CA THR C 20 41.75 -8.71 5.25
C THR C 20 40.88 -7.54 4.82
N ILE C 21 39.87 -7.23 5.62
CA ILE C 21 39.00 -6.08 5.47
C ILE C 21 39.34 -5.10 6.58
N THR C 22 39.56 -3.84 6.23
CA THR C 22 39.91 -2.83 7.21
C THR C 22 38.69 -1.96 7.48
N CYS C 23 38.56 -1.54 8.74
CA CYS C 23 37.52 -0.62 9.15
C CYS C 23 38.20 0.47 9.97
N ARG C 24 38.03 1.72 9.54
CA ARG C 24 38.64 2.87 10.21
C ARG C 24 37.55 3.70 10.84
N ALA C 25 37.75 4.09 12.09
CA ALA C 25 36.84 4.98 12.78
C ALA C 25 37.42 6.39 12.74
N SER C 26 36.55 7.37 12.51
CA SER C 26 36.99 8.76 12.44
C SER C 26 37.57 9.24 13.76
N GLN C 27 37.20 8.60 14.88
CA GLN C 27 37.75 8.91 16.18
C GLN C 27 37.79 7.62 17.00
N SER C 28 38.52 7.67 18.12
CA SER C 28 38.75 6.48 18.92
C SER C 28 37.44 5.90 19.44
N ILE C 29 37.24 4.61 19.22
CA ILE C 29 36.09 3.88 19.73
C ILE C 29 36.50 2.71 20.61
N GLU C 30 37.73 2.74 21.11
CA GLU C 30 38.28 1.65 21.94
C GLU C 30 38.12 0.32 21.22
N THR C 31 37.34 -0.60 21.79
CA THR C 31 37.06 -1.87 21.15
C THR C 31 35.57 -2.11 20.95
N TRP C 32 34.78 -1.04 20.89
CA TRP C 32 33.33 -1.18 20.73
C TRP C 32 33.01 -1.34 19.24
N LEU C 33 33.41 -2.47 18.70
CA LEU C 33 33.29 -2.74 17.27
C LEU C 33 32.89 -4.18 17.05
N ALA C 34 31.95 -4.39 16.13
CA ALA C 34 31.46 -5.71 15.76
C ALA C 34 31.53 -5.89 14.26
N TRP C 35 31.71 -7.14 13.85
CA TRP C 35 31.67 -7.56 12.46
C TRP C 35 30.49 -8.50 12.26
N TYR C 36 29.70 -8.22 11.23
CA TYR C 36 28.53 -9.00 10.83
C TYR C 36 28.72 -9.50 9.40
N GLN C 37 28.17 -10.68 9.14
CA GLN C 37 28.11 -11.24 7.80
C GLN C 37 26.67 -11.19 7.29
N GLN C 38 26.48 -10.90 6.01
CA GLN C 38 25.15 -10.86 5.41
C GLN C 38 25.22 -11.41 4.00
N LYS C 39 24.45 -12.38 3.76
CA LYS C 39 24.13 -12.98 2.49
C LYS C 39 22.91 -12.30 1.89
N PRO C 40 22.83 -12.21 0.56
CA PRO C 40 21.70 -11.51 -0.06
C PRO C 40 20.36 -12.11 0.32
N GLY C 41 19.40 -11.25 0.62
CA GLY C 41 18.07 -11.65 1.01
C GLY C 41 17.93 -12.25 2.40
N LYS C 42 19.01 -12.33 3.16
CA LYS C 42 19.00 -12.87 4.52
C LYS C 42 19.28 -11.77 5.54
N ALA C 43 19.16 -12.13 6.81
CA ALA C 43 19.46 -11.22 7.90
C ALA C 43 20.95 -11.23 8.23
N PRO C 44 21.50 -10.14 8.74
CA PRO C 44 22.89 -10.15 9.18
C PRO C 44 23.12 -11.10 10.34
N LYS C 45 24.31 -11.71 10.37
CA LYS C 45 24.71 -12.62 11.44
C LYS C 45 25.91 -12.01 12.16
N LEU C 46 25.85 -12.01 13.49
CA LEU C 46 26.96 -11.51 14.30
C LEU C 46 28.13 -12.47 14.23
N LEU C 47 29.29 -11.98 13.79
CA LEU C 47 30.50 -12.77 13.75
C LEU C 47 31.45 -12.45 14.90
N ILE C 48 31.76 -11.17 15.09
CA ILE C 48 32.78 -10.79 16.05
C ILE C 48 32.27 -9.56 16.79
N TYR C 49 32.53 -9.50 18.10
CA TYR C 49 32.20 -8.33 18.89
C TYR C 49 33.38 -8.02 19.80
N LYS C 50 33.32 -6.86 20.43
CA LYS C 50 34.42 -6.37 21.27
C LYS C 50 35.74 -6.40 20.49
N ALA C 51 35.65 -6.05 19.21
CA ALA C 51 36.79 -5.97 18.29
C ALA C 51 37.40 -7.32 17.96
N SER C 52 37.49 -8.24 18.92
CA SER C 52 38.22 -9.47 18.69
C SER C 52 37.59 -10.73 19.25
N THR C 53 36.41 -10.67 19.86
CA THR C 53 35.81 -11.86 20.45
C THR C 53 34.97 -12.58 19.40
N LEU C 54 35.39 -13.80 19.06
CA LEU C 54 34.64 -14.61 18.12
C LEU C 54 33.38 -15.13 18.80
N LYS C 55 32.24 -14.96 18.14
CA LYS C 55 31.00 -15.48 18.69
C LYS C 55 31.02 -17.00 18.66
N THR C 56 30.42 -17.61 19.68
CA THR C 56 30.35 -19.06 19.75
C THR C 56 29.68 -19.60 18.49
N GLY C 57 30.31 -20.61 17.88
CA GLY C 57 29.78 -21.20 16.67
C GLY C 57 30.40 -20.69 15.40
N VAL C 58 31.16 -19.59 15.46
CA VAL C 58 31.76 -18.99 14.27
C VAL C 58 33.10 -19.68 14.02
N PRO C 59 33.39 -20.11 12.80
CA PRO C 59 34.63 -20.83 12.53
C PRO C 59 35.87 -20.02 12.87
N SER C 60 36.95 -20.72 13.25
CA SER C 60 38.18 -20.07 13.67
C SER C 60 38.95 -19.44 12.52
N ARG C 61 38.50 -19.61 11.27
CA ARG C 61 39.17 -18.93 10.17
C ARG C 61 38.84 -17.43 10.16
N PHE C 62 37.75 -17.04 10.81
CA PHE C 62 37.45 -15.63 11.01
C PHE C 62 38.22 -15.13 12.22
N SER C 63 38.83 -13.96 12.09
CA SER C 63 39.57 -13.37 13.20
C SER C 63 39.42 -11.86 13.14
N GLY C 64 39.19 -11.25 14.29
CA GLY C 64 39.07 -9.81 14.39
C GLY C 64 40.22 -9.27 15.21
N SER C 65 40.66 -8.06 14.87
CA SER C 65 41.78 -7.47 15.59
C SER C 65 41.65 -5.96 15.48
N GLY C 66 42.44 -5.26 16.29
CA GLY C 66 42.50 -3.81 16.23
C GLY C 66 41.95 -3.19 17.50
N SER C 67 42.07 -1.86 17.55
CA SER C 67 41.57 -1.07 18.67
C SER C 67 41.80 0.40 18.36
N GLY C 68 41.03 1.25 19.05
CA GLY C 68 41.15 2.68 18.84
C GLY C 68 40.42 3.15 17.59
N THR C 69 41.17 3.35 16.50
CA THR C 69 40.60 3.81 15.24
C THR C 69 40.82 2.84 14.09
N GLU C 70 41.54 1.75 14.29
CA GLU C 70 41.92 0.84 13.21
C GLU C 70 41.53 -0.58 13.59
N PHE C 71 40.78 -1.25 12.72
CA PHE C 71 40.28 -2.59 12.98
C PHE C 71 40.39 -3.41 11.71
N THR C 72 40.55 -4.73 11.88
CA THR C 72 40.68 -5.63 10.74
C THR C 72 39.89 -6.90 11.00
N LEU C 73 39.23 -7.37 9.94
CA LEU C 73 38.65 -8.70 9.88
C LEU C 73 39.47 -9.52 8.90
N THR C 74 39.87 -10.72 9.30
CA THR C 74 40.69 -11.58 8.49
C THR C 74 39.99 -12.91 8.33
N ILE C 75 39.92 -13.39 7.09
CA ILE C 75 39.44 -14.74 6.82
C ILE C 75 40.59 -15.53 6.23
N SER C 76 41.00 -16.59 6.92
CA SER C 76 42.13 -17.42 6.53
C SER C 76 41.61 -18.76 6.02
N GLY C 77 41.70 -18.98 4.71
CA GLY C 77 41.17 -20.18 4.11
C GLY C 77 39.74 -19.96 3.67
N LEU C 78 39.56 -18.90 2.88
CA LEU C 78 38.26 -18.53 2.32
C LEU C 78 37.57 -19.72 1.69
N GLN C 79 36.39 -20.05 2.18
CA GLN C 79 35.56 -21.09 1.59
C GLN C 79 34.43 -20.45 0.80
N PHE C 80 33.79 -21.26 -0.04
CA PHE C 80 32.76 -20.73 -0.93
C PHE C 80 31.64 -20.06 -0.14
N ASP C 81 31.30 -20.62 1.03
CA ASP C 81 30.26 -20.07 1.89
C ASP C 81 30.61 -18.71 2.45
N ASP C 82 31.87 -18.28 2.34
CA ASP C 82 32.28 -17.01 2.91
C ASP C 82 32.10 -15.83 1.96
N PHE C 83 31.71 -16.08 0.70
CA PHE C 83 31.49 -14.99 -0.25
C PHE C 83 30.17 -14.30 0.07
N ALA C 84 30.23 -13.02 0.40
CA ALA C 84 29.07 -12.31 0.98
C ALA C 84 29.46 -10.88 1.33
N THR C 85 28.58 -10.12 1.97
CA THR C 85 28.94 -8.78 2.42
C THR C 85 29.25 -8.80 3.91
N TYR C 86 30.28 -8.05 4.30
CA TYR C 86 30.70 -7.94 5.69
C TYR C 86 30.57 -6.50 6.14
N HIS C 87 29.99 -6.29 7.33
CA HIS C 87 29.71 -4.98 7.86
C HIS C 87 30.44 -4.80 9.19
N CYS C 88 31.15 -3.67 9.34
CA CYS C 88 31.64 -3.29 10.64
C CYS C 88 30.67 -2.31 11.29
N GLN C 89 30.63 -2.32 12.62
CA GLN C 89 29.65 -1.55 13.37
C GLN C 89 30.30 -1.05 14.65
N HIS C 90 30.30 0.27 14.85
CA HIS C 90 30.50 0.81 16.17
C HIS C 90 29.16 0.80 16.89
N TYR C 91 29.10 0.13 18.04
CA TYR C 91 27.88 0.06 18.82
C TYR C 91 28.10 0.69 20.19
N ALA C 92 27.20 1.58 20.58
CA ALA C 92 27.18 2.17 21.91
C ALA C 92 25.88 1.78 22.60
N GLY C 93 25.73 2.25 23.83
CA GLY C 93 24.60 1.82 24.64
C GLY C 93 23.26 2.02 23.97
N TYR C 94 23.07 3.16 23.29
CA TYR C 94 21.78 3.50 22.72
C TYR C 94 21.86 4.01 21.30
N SER C 95 22.92 3.64 20.57
CA SER C 95 23.04 4.03 19.16
C SER C 95 24.09 3.13 18.51
N ALA C 96 24.17 3.24 17.18
CA ALA C 96 25.15 2.47 16.44
C ALA C 96 25.40 3.16 15.10
N THR C 97 26.56 2.90 14.53
CA THR C 97 26.89 3.36 13.19
C THR C 97 27.60 2.23 12.45
N PHE C 98 27.26 2.05 11.18
CA PHE C 98 27.83 0.99 10.36
C PHE C 98 28.81 1.57 9.34
N GLY C 99 29.73 0.73 8.91
CA GLY C 99 30.46 0.99 7.69
C GLY C 99 29.54 0.84 6.49
N GLN C 100 30.10 1.03 5.31
CA GLN C 100 29.29 0.94 4.11
C GLN C 100 29.19 -0.49 3.59
N GLY C 101 29.91 -1.43 4.19
CA GLY C 101 29.89 -2.80 3.74
C GLY C 101 31.01 -3.11 2.77
N THR C 102 31.53 -4.32 2.85
CA THR C 102 32.54 -4.83 1.93
C THR C 102 32.01 -6.12 1.32
N ARG C 103 31.83 -6.13 0.01
CA ARG C 103 31.36 -7.32 -0.68
C ARG C 103 32.57 -8.15 -1.10
N VAL C 104 32.61 -9.39 -0.64
CA VAL C 104 33.64 -10.35 -1.02
C VAL C 104 33.03 -11.24 -2.09
N GLU C 105 33.60 -11.12 -3.29
CA GLU C 105 33.19 -11.76 -4.54
C GLU C 105 34.35 -12.61 -5.07
N ILE C 106 34.04 -13.45 -6.06
CA ILE C 106 35.05 -14.31 -6.66
C ILE C 106 35.84 -13.52 -7.69
N LYS C 107 37.17 -13.64 -7.63
CA LYS C 107 38.05 -12.92 -8.54
C LYS C 107 38.04 -13.55 -9.93
N ARG C 108 38.10 -12.71 -10.95
CA ARG C 108 38.34 -13.15 -12.32
C ARG C 108 38.86 -11.96 -13.13
N THR C 109 39.06 -12.19 -14.42
CA THR C 109 39.54 -11.15 -15.32
C THR C 109 38.38 -10.29 -15.82
N VAL C 110 38.71 -9.03 -16.16
CA VAL C 110 37.72 -8.11 -16.68
C VAL C 110 37.07 -8.67 -17.94
N ALA C 111 35.75 -8.54 -18.03
CA ALA C 111 34.99 -8.98 -19.19
C ALA C 111 33.92 -7.93 -19.51
N ALA C 112 33.96 -7.41 -20.73
CA ALA C 112 32.95 -6.46 -21.17
C ALA C 112 31.62 -7.18 -21.42
N PRO C 113 30.50 -6.47 -21.28
CA PRO C 113 29.19 -7.11 -21.49
C PRO C 113 28.80 -7.14 -22.96
N SER C 114 27.99 -8.15 -23.31
CA SER C 114 27.24 -8.08 -24.55
C SER C 114 25.92 -7.35 -24.29
N VAL C 115 25.61 -6.34 -25.09
CA VAL C 115 24.47 -5.47 -24.84
C VAL C 115 23.40 -5.71 -25.91
N PHE C 116 22.15 -5.84 -25.47
CA PHE C 116 21.02 -6.05 -26.36
C PHE C 116 19.87 -5.15 -25.93
N ILE C 117 19.10 -4.69 -26.91
CA ILE C 117 17.93 -3.86 -26.65
C ILE C 117 16.71 -4.53 -27.28
N PHE C 118 15.58 -4.44 -26.58
CA PHE C 118 14.33 -5.08 -26.98
C PHE C 118 13.24 -4.04 -26.96
N PRO C 119 12.63 -3.72 -28.09
CA PRO C 119 11.44 -2.87 -28.10
C PRO C 119 10.28 -3.57 -27.44
N PRO C 120 9.24 -2.83 -27.04
CA PRO C 120 8.07 -3.47 -26.45
C PRO C 120 7.33 -4.31 -27.48
N SER C 121 6.75 -5.41 -27.02
CA SER C 121 5.93 -6.22 -27.89
C SER C 121 4.64 -5.49 -28.25
N ASP C 122 4.13 -5.77 -29.45
CA ASP C 122 2.86 -5.20 -29.87
C ASP C 122 1.74 -5.64 -28.93
N GLU C 123 1.80 -6.88 -28.45
CA GLU C 123 0.81 -7.35 -27.49
C GLU C 123 0.75 -6.45 -26.26
N GLN C 124 1.92 -6.05 -25.73
CA GLN C 124 1.92 -5.14 -24.59
C GLN C 124 1.53 -3.72 -24.99
N LEU C 125 1.91 -3.29 -26.19
CA LEU C 125 1.52 -1.96 -26.65
C LEU C 125 0.00 -1.81 -26.75
N LYS C 126 -0.69 -2.91 -27.10
CA LYS C 126 -2.15 -2.88 -27.13
C LYS C 126 -2.71 -2.58 -25.76
N SER C 127 -2.02 -3.02 -24.70
CA SER C 127 -2.43 -2.82 -23.32
C SER C 127 -2.21 -1.39 -22.82
N GLY C 128 -1.55 -0.54 -23.60
CA GLY C 128 -1.29 0.81 -23.20
C GLY C 128 0.01 1.05 -22.47
N THR C 129 0.91 0.06 -22.44
CA THR C 129 2.19 0.19 -21.74
C THR C 129 3.32 -0.26 -22.66
N ALA C 130 4.42 0.49 -22.66
CA ALA C 130 5.61 0.13 -23.43
C ALA C 130 6.74 -0.12 -22.46
N SER C 131 7.25 -1.35 -22.44
CA SER C 131 8.44 -1.70 -21.69
C SER C 131 9.57 -1.95 -22.67
N VAL C 132 10.61 -1.11 -22.62
CA VAL C 132 11.82 -1.27 -23.41
C VAL C 132 12.89 -1.88 -22.51
N VAL C 133 13.54 -2.94 -22.98
CA VAL C 133 14.46 -3.69 -22.11
C VAL C 133 15.87 -3.65 -22.66
N CYS C 134 16.84 -3.43 -21.78
CA CYS C 134 18.25 -3.44 -22.11
C CYS C 134 18.94 -4.50 -21.28
N LEU C 135 19.69 -5.37 -21.95
CA LEU C 135 20.36 -6.50 -21.33
C LEU C 135 21.87 -6.32 -21.46
N LEU C 136 22.56 -6.40 -20.31
CA LEU C 136 24.02 -6.45 -20.24
C LEU C 136 24.39 -7.85 -19.79
N ASN C 137 25.04 -8.61 -20.65
CA ASN C 137 25.24 -10.04 -20.46
C ASN C 137 26.70 -10.33 -20.12
N ASN C 138 26.89 -11.02 -19.00
CA ASN C 138 28.14 -11.67 -18.59
C ASN C 138 29.32 -10.70 -18.59
N PHE C 139 29.27 -9.74 -17.67
CA PHE C 139 30.35 -8.77 -17.53
C PHE C 139 31.01 -8.89 -16.17
N TYR C 140 32.21 -8.32 -16.07
CA TYR C 140 32.98 -8.30 -14.83
C TYR C 140 33.99 -7.16 -14.91
N PRO C 141 34.16 -6.35 -13.85
CA PRO C 141 33.49 -6.46 -12.55
C PRO C 141 32.04 -5.97 -12.56
N ARG C 142 31.46 -5.84 -11.36
CA ARG C 142 30.02 -5.65 -11.25
C ARG C 142 29.59 -4.25 -11.65
N GLU C 143 30.46 -3.26 -11.50
CA GLU C 143 30.07 -1.88 -11.72
C GLU C 143 29.78 -1.63 -13.20
N ALA C 144 28.60 -1.12 -13.50
CA ALA C 144 28.22 -0.80 -14.86
C ALA C 144 27.26 0.37 -14.83
N LYS C 145 27.23 1.14 -15.90
CA LYS C 145 26.40 2.33 -15.98
C LYS C 145 25.51 2.20 -17.21
N VAL C 146 24.20 2.31 -17.02
CA VAL C 146 23.23 2.22 -18.09
C VAL C 146 22.45 3.53 -18.13
N GLN C 147 22.43 4.17 -19.28
CA GLN C 147 21.67 5.40 -19.48
C GLN C 147 20.66 5.19 -20.60
N TRP C 148 19.44 5.65 -20.38
CA TRP C 148 18.43 5.62 -21.42
C TRP C 148 18.36 6.97 -22.11
N LYS C 149 18.32 6.96 -23.44
CA LYS C 149 18.14 8.17 -24.23
C LYS C 149 16.98 7.95 -25.18
N VAL C 150 16.01 8.85 -25.13
CA VAL C 150 14.83 8.80 -25.98
C VAL C 150 14.91 10.04 -26.86
N ASP C 151 15.17 9.84 -28.15
CA ASP C 151 15.49 10.94 -29.07
C ASP C 151 16.61 11.80 -28.50
N ASN C 152 17.65 11.15 -27.99
CA ASN C 152 18.83 11.72 -27.37
C ASN C 152 18.56 12.43 -26.05
N ALA C 153 17.32 12.40 -25.54
CA ALA C 153 17.01 13.01 -24.26
C ALA C 153 17.32 12.02 -23.15
N LEU C 154 18.34 12.30 -22.36
CA LEU C 154 18.67 11.43 -21.23
C LEU C 154 17.47 11.30 -20.29
N GLN C 155 17.14 10.07 -19.93
CA GLN C 155 15.97 9.78 -19.10
C GLN C 155 16.38 9.57 -17.66
N SER C 156 15.45 9.88 -16.75
CA SER C 156 15.65 9.63 -15.33
C SER C 156 14.31 9.37 -14.68
N GLY C 157 14.30 8.44 -13.72
CA GLY C 157 13.12 8.16 -12.93
C GLY C 157 12.12 7.20 -13.54
N ASN C 158 12.26 6.81 -14.81
CA ASN C 158 11.29 5.95 -15.46
C ASN C 158 11.88 4.58 -15.83
N SER C 159 12.99 4.19 -15.21
CA SER C 159 13.61 2.91 -15.45
C SER C 159 13.95 2.24 -14.13
N GLN C 160 13.97 0.91 -14.15
CA GLN C 160 14.38 0.10 -13.02
C GLN C 160 15.32 -0.99 -13.51
N GLU C 161 16.28 -1.36 -12.69
CA GLU C 161 17.23 -2.39 -13.10
C GLU C 161 17.42 -3.41 -11.98
N SER C 162 17.86 -4.60 -12.38
CA SER C 162 18.24 -5.64 -11.44
C SER C 162 19.45 -6.39 -11.97
N VAL C 163 20.25 -6.90 -11.04
CA VAL C 163 21.53 -7.54 -11.33
C VAL C 163 21.50 -8.96 -10.77
N THR C 164 22.03 -9.90 -11.53
CA THR C 164 22.14 -11.28 -11.05
C THR C 164 23.28 -11.42 -10.05
N GLU C 165 23.21 -12.47 -9.24
CA GLU C 165 24.35 -12.87 -8.44
C GLU C 165 25.47 -13.38 -9.34
N GLN C 166 26.68 -13.42 -8.78
CA GLN C 166 27.85 -13.84 -9.54
C GLN C 166 27.66 -15.25 -10.06
N ASP C 167 27.79 -15.43 -11.38
CA ASP C 167 27.46 -16.71 -12.00
C ASP C 167 28.38 -17.80 -11.48
N SER C 168 27.79 -18.98 -11.23
CA SER C 168 28.55 -20.09 -10.66
C SER C 168 29.61 -20.60 -11.62
N LYS C 169 29.35 -20.53 -12.93
CA LYS C 169 30.28 -21.11 -13.90
C LYS C 169 31.44 -20.17 -14.23
N ASP C 170 31.13 -18.93 -14.62
CA ASP C 170 32.16 -18.01 -15.12
C ASP C 170 32.41 -16.79 -14.24
N SER C 171 31.69 -16.65 -13.11
CA SER C 171 31.90 -15.58 -12.14
C SER C 171 31.58 -14.20 -12.70
N THR C 172 30.73 -14.11 -13.71
CA THR C 172 30.31 -12.83 -14.26
C THR C 172 28.96 -12.40 -13.68
N TYR C 173 28.59 -11.16 -13.96
CA TYR C 173 27.30 -10.61 -13.57
C TYR C 173 26.50 -10.28 -14.82
N SER C 174 25.18 -10.19 -14.65
CA SER C 174 24.33 -9.72 -15.73
C SER C 174 23.33 -8.71 -15.17
N LEU C 175 22.88 -7.81 -16.03
CA LEU C 175 22.03 -6.71 -15.60
C LEU C 175 20.90 -6.54 -16.61
N SER C 176 19.71 -6.26 -16.09
CA SER C 176 18.55 -5.96 -16.91
C SER C 176 18.00 -4.61 -16.48
N SER C 177 17.79 -3.72 -17.46
CA SER C 177 17.19 -2.42 -17.22
C SER C 177 15.92 -2.30 -18.05
N THR C 178 14.83 -1.91 -17.40
CA THR C 178 13.54 -1.75 -18.04
C THR C 178 13.13 -0.28 -17.97
N LEU C 179 12.91 0.33 -19.12
CA LEU C 179 12.33 1.65 -19.25
C LEU C 179 10.83 1.50 -19.51
N THR C 180 10.00 2.12 -18.69
CA THR C 180 8.56 1.98 -18.78
C THR C 180 7.92 3.31 -19.18
N LEU C 181 7.06 3.28 -20.20
CA LEU C 181 6.36 4.47 -20.67
C LEU C 181 4.91 4.11 -20.94
N SER C 182 4.06 5.13 -20.94
CA SER C 182 2.72 4.94 -21.48
C SER C 182 2.79 4.76 -23.00
N LYS C 183 1.77 4.10 -23.54
CA LYS C 183 1.69 3.94 -24.98
C LYS C 183 1.74 5.28 -25.70
N ALA C 184 1.03 6.28 -25.15
CA ALA C 184 1.06 7.62 -25.73
C ALA C 184 2.47 8.18 -25.75
N ASP C 185 3.11 8.23 -24.58
CA ASP C 185 4.48 8.73 -24.51
C ASP C 185 5.41 7.93 -25.41
N TYR C 186 5.24 6.61 -25.46
CA TYR C 186 6.08 5.80 -26.33
C TYR C 186 5.93 6.20 -27.78
N GLU C 187 4.71 6.43 -28.23
CA GLU C 187 4.47 6.81 -29.62
C GLU C 187 4.72 8.29 -29.89
N LYS C 188 5.10 9.06 -28.87
CA LYS C 188 5.51 10.44 -29.11
C LYS C 188 6.97 10.56 -29.53
N HIS C 189 7.72 9.47 -29.63
CA HIS C 189 9.15 9.51 -29.90
C HIS C 189 9.52 8.41 -30.89
N LYS C 190 10.72 8.54 -31.46
CA LYS C 190 11.19 7.60 -32.48
C LYS C 190 12.39 6.77 -32.02
N VAL C 191 13.50 7.40 -31.66
CA VAL C 191 14.74 6.68 -31.38
C VAL C 191 14.81 6.33 -29.89
N TYR C 192 14.98 5.06 -29.60
CA TYR C 192 15.14 4.57 -28.24
C TYR C 192 16.50 3.91 -28.11
N ALA C 193 17.31 4.36 -27.14
CA ALA C 193 18.69 3.94 -27.06
C ALA C 193 19.11 3.69 -25.62
N CYS C 194 20.04 2.74 -25.49
CA CYS C 194 20.62 2.31 -24.21
CA CYS C 194 20.62 2.38 -24.21
C CYS C 194 22.14 2.46 -24.34
N GLU C 195 22.75 3.25 -23.47
CA GLU C 195 24.18 3.52 -23.49
C GLU C 195 24.82 2.88 -22.27
N VAL C 196 25.81 2.02 -22.52
CA VAL C 196 26.44 1.20 -21.49
C VAL C 196 27.89 1.64 -21.34
N THR C 197 28.27 1.99 -20.12
CA THR C 197 29.65 2.27 -19.75
C THR C 197 30.15 1.19 -18.80
N HIS C 198 31.34 0.66 -19.08
CA HIS C 198 31.93 -0.40 -18.29
C HIS C 198 33.44 -0.39 -18.48
N GLN C 199 34.15 -0.87 -17.46
CA GLN C 199 35.61 -0.87 -17.46
C GLN C 199 36.17 -1.67 -18.64
N GLY C 200 35.53 -2.80 -18.95
CA GLY C 200 35.98 -3.67 -20.01
C GLY C 200 35.73 -3.16 -21.43
N LEU C 201 35.11 -2.00 -21.58
CA LEU C 201 34.84 -1.43 -22.88
C LEU C 201 35.77 -0.24 -23.13
N SER C 202 36.31 -0.16 -24.35
CA SER C 202 37.20 0.95 -24.67
C SER C 202 36.44 2.26 -24.74
N SER C 203 35.15 2.19 -25.06
CA SER C 203 34.28 3.36 -25.12
C SER C 203 32.86 2.88 -24.85
N PRO C 204 31.95 3.78 -24.48
CA PRO C 204 30.57 3.37 -24.22
C PRO C 204 29.92 2.77 -25.46
N VAL C 205 29.09 1.76 -25.25
CA VAL C 205 28.36 1.08 -26.32
C VAL C 205 26.92 1.55 -26.31
N THR C 206 26.42 1.98 -27.45
CA THR C 206 25.02 2.41 -27.56
C THR C 206 24.27 1.45 -28.48
N LYS C 207 23.18 0.90 -27.98
CA LYS C 207 22.28 0.07 -28.77
C LYS C 207 20.97 0.82 -28.91
N SER C 208 20.44 0.88 -30.12
CA SER C 208 19.27 1.72 -30.37
C SER C 208 18.32 1.02 -31.33
N PHE C 209 17.10 1.56 -31.40
CA PHE C 209 16.14 1.16 -32.40
C PHE C 209 15.20 2.32 -32.67
N ASN C 210 14.62 2.32 -33.85
CA ASN C 210 13.63 3.32 -34.23
C ASN C 210 12.25 2.69 -34.10
N ARG C 211 11.33 3.39 -33.45
CA ARG C 211 9.96 2.88 -33.34
C ARG C 211 9.41 2.67 -34.74
N GLY C 212 9.36 1.41 -35.19
CA GLY C 212 8.93 1.09 -36.53
C GLY C 212 9.66 -0.12 -37.11
N GLU D 1 16.35 -20.82 17.87
CA GLU D 1 16.10 -20.44 19.26
C GLU D 1 15.43 -19.06 19.32
N VAL D 2 16.18 -18.02 19.69
CA VAL D 2 15.64 -16.67 19.72
C VAL D 2 15.23 -16.26 18.31
N GLN D 3 14.01 -15.73 18.17
CA GLN D 3 13.51 -15.31 16.88
C GLN D 3 12.89 -13.93 16.96
N LEU D 4 13.03 -13.16 15.88
CA LEU D 4 12.34 -11.90 15.68
C LEU D 4 11.67 -11.92 14.32
N VAL D 5 10.51 -11.25 14.23
CA VAL D 5 9.73 -11.21 12.99
C VAL D 5 9.15 -9.80 12.83
N GLU D 6 9.47 -9.14 11.73
CA GLU D 6 8.89 -7.87 11.37
C GLU D 6 7.57 -8.06 10.63
N SER D 7 6.77 -7.00 10.60
CA SER D 7 5.48 -6.96 9.95
C SER D 7 5.18 -5.53 9.56
N GLY D 8 4.51 -5.35 8.42
CA GLY D 8 3.95 -4.06 8.07
C GLY D 8 4.59 -3.37 6.88
N GLY D 9 5.61 -3.95 6.26
CA GLY D 9 6.22 -3.33 5.11
C GLY D 9 5.26 -3.18 3.95
N GLY D 10 5.72 -2.51 2.91
CA GLY D 10 4.92 -2.38 1.71
C GLY D 10 5.29 -1.14 0.92
N LEU D 11 4.38 -0.78 0.02
CA LEU D 11 4.56 0.33 -0.91
C LEU D 11 3.83 1.56 -0.38
N VAL D 12 4.56 2.65 -0.24
CA VAL D 12 4.00 3.92 0.21
C VAL D 12 4.44 5.00 -0.77
N LYS D 13 3.62 6.03 -0.91
CA LYS D 13 4.00 7.17 -1.72
C LYS D 13 4.68 8.23 -0.86
N ALA D 14 5.63 8.94 -1.47
CA ALA D 14 6.41 9.96 -0.77
C ALA D 14 5.50 10.90 0.01
N GLY D 15 5.89 11.20 1.24
CA GLY D 15 5.09 12.00 2.11
C GLY D 15 4.08 11.24 2.94
N GLY D 16 3.89 9.95 2.67
CA GLY D 16 2.93 9.14 3.39
C GLY D 16 3.49 8.59 4.69
N SER D 17 2.77 7.62 5.24
CA SER D 17 3.08 7.04 6.55
C SER D 17 2.99 5.53 6.48
N LEU D 18 3.80 4.87 7.30
CA LEU D 18 3.75 3.42 7.43
C LEU D 18 4.25 3.06 8.81
N ILE D 19 3.60 2.11 9.46
CA ILE D 19 3.99 1.65 10.78
C ILE D 19 4.41 0.19 10.69
N LEU D 20 5.61 -0.10 11.16
CA LEU D 20 6.13 -1.46 11.25
C LEU D 20 6.02 -1.96 12.68
N SER D 21 5.93 -3.28 12.82
CA SER D 21 5.87 -3.92 14.12
C SER D 21 6.83 -5.10 14.12
N CYS D 22 7.23 -5.50 15.32
CA CYS D 22 8.17 -6.58 15.50
C CYS D 22 7.73 -7.42 16.69
N GLY D 23 7.53 -8.72 16.44
CA GLY D 23 7.29 -9.70 17.48
C GLY D 23 8.49 -10.61 17.66
N VAL D 24 8.50 -11.32 18.78
CA VAL D 24 9.64 -12.16 19.14
C VAL D 24 9.16 -13.53 19.58
N SER D 25 10.09 -14.46 19.63
CA SER D 25 9.87 -15.82 20.08
C SER D 25 11.05 -16.29 20.92
N ASN D 26 10.74 -16.91 22.06
CA ASN D 26 11.68 -17.61 22.95
C ASN D 26 12.54 -16.65 23.78
N PHE D 27 12.07 -15.42 23.98
CA PHE D 27 12.65 -14.52 24.97
C PHE D 27 11.66 -13.37 25.15
N ARG D 28 11.87 -12.59 26.21
CA ARG D 28 11.06 -11.41 26.48
C ARG D 28 11.92 -10.20 26.16
N ILE D 29 11.29 -9.15 25.62
CA ILE D 29 12.04 -7.96 25.23
C ILE D 29 12.32 -7.01 26.39
N SER D 30 11.68 -7.20 27.54
CA SER D 30 11.69 -6.20 28.61
C SER D 30 13.10 -5.79 29.02
N ALA D 31 14.03 -6.74 29.11
CA ALA D 31 15.39 -6.45 29.52
C ALA D 31 16.30 -6.00 28.39
N HIS D 32 15.82 -5.95 27.14
CA HIS D 32 16.66 -5.67 25.99
C HIS D 32 16.34 -4.30 25.41
N THR D 33 17.40 -3.52 25.15
CA THR D 33 17.29 -2.39 24.24
C THR D 33 17.01 -2.90 22.83
N MET D 34 15.97 -2.37 22.19
CA MET D 34 15.57 -2.85 20.87
C MET D 34 15.89 -1.81 19.80
N ASN D 35 16.22 -2.29 18.59
CA ASN D 35 16.74 -1.42 17.55
C ASN D 35 16.09 -1.72 16.21
N TRP D 36 15.99 -0.69 15.40
CA TRP D 36 15.60 -0.79 13.99
C TRP D 36 16.80 -0.39 13.14
N VAL D 37 17.13 -1.26 12.17
CA VAL D 37 18.21 -1.06 11.22
C VAL D 37 17.64 -1.27 9.82
N ARG D 38 18.21 -0.58 8.83
CA ARG D 38 17.75 -0.76 7.47
C ARG D 38 18.93 -0.98 6.53
N ARG D 39 18.71 -1.84 5.53
CA ARG D 39 19.64 -2.03 4.43
C ARG D 39 19.09 -1.31 3.21
N VAL D 40 19.85 -0.34 2.72
CA VAL D 40 19.49 0.49 1.57
C VAL D 40 19.85 -0.25 0.29
N PRO D 41 19.33 0.15 -0.87
CA PRO D 41 19.70 -0.53 -2.12
C PRO D 41 21.20 -0.57 -2.39
N GLY D 42 21.94 0.45 -1.95
CA GLY D 42 23.38 0.44 -2.13
C GLY D 42 24.09 -0.72 -1.45
N GLY D 43 23.45 -1.35 -0.48
CA GLY D 43 23.96 -2.55 0.16
C GLY D 43 24.42 -2.36 1.58
N GLY D 44 24.64 -1.12 2.02
CA GLY D 44 25.09 -0.88 3.37
C GLY D 44 23.95 -0.86 4.39
N LEU D 45 24.31 -1.05 5.65
CA LEU D 45 23.37 -1.00 6.75
C LEU D 45 23.38 0.39 7.38
N GLU D 46 22.19 0.86 7.76
CA GLU D 46 22.06 2.13 8.46
C GLU D 46 21.28 1.89 9.74
N TRP D 47 21.87 2.26 10.88
CA TRP D 47 21.11 2.27 12.12
C TRP D 47 20.02 3.33 12.02
N VAL D 48 18.80 2.96 12.40
CA VAL D 48 17.64 3.82 12.29
C VAL D 48 17.17 4.31 13.65
N ALA D 49 16.94 3.39 14.58
CA ALA D 49 16.32 3.80 15.84
C ALA D 49 16.68 2.84 16.95
N SER D 50 16.63 3.34 18.17
CA SER D 50 16.94 2.57 19.36
C SER D 50 16.00 2.98 20.48
N ILE D 51 15.46 2.01 21.22
CA ILE D 51 14.63 2.29 22.38
C ILE D 51 15.12 1.42 23.54
N SER D 52 15.51 2.08 24.63
CA SER D 52 16.07 1.41 25.79
C SER D 52 14.98 0.72 26.61
N THR D 53 15.41 -0.03 27.63
CA THR D 53 14.47 -0.60 28.58
C THR D 53 13.66 0.51 29.24
N SER D 54 12.38 0.22 29.50
CA SER D 54 11.42 1.15 30.09
C SER D 54 11.18 2.40 29.24
N SER D 55 11.61 2.39 27.98
CA SER D 55 11.50 3.53 27.06
C SER D 55 12.16 4.79 27.61
N THR D 56 13.15 4.63 28.51
CA THR D 56 13.81 5.79 29.10
C THR D 56 14.50 6.64 28.05
N TYR D 57 15.18 5.98 27.11
CA TYR D 57 15.90 6.68 26.05
C TYR D 57 15.39 6.21 24.69
N ARG D 58 15.17 7.15 23.79
CA ARG D 58 14.81 6.88 22.41
C ARG D 58 15.75 7.68 21.53
N ASP D 59 16.48 6.99 20.66
CA ASP D 59 17.51 7.61 19.83
C ASP D 59 17.24 7.33 18.35
N TYR D 60 17.51 8.33 17.51
CA TYR D 60 17.20 8.24 16.08
C TYR D 60 18.38 8.75 15.27
N ALA D 61 18.57 8.14 14.10
CA ALA D 61 19.50 8.67 13.12
C ALA D 61 19.08 10.06 12.68
N ASP D 62 20.07 10.89 12.33
CA ASP D 62 19.76 12.27 11.93
C ASP D 62 18.81 12.30 10.74
N ALA D 63 18.94 11.35 9.82
CA ALA D 63 18.13 11.34 8.62
C ALA D 63 16.64 11.12 8.91
N VAL D 64 16.30 10.54 10.06
CA VAL D 64 14.92 10.22 10.37
C VAL D 64 14.39 10.92 11.62
N LYS D 65 15.23 11.63 12.38
CA LYS D 65 14.72 12.28 13.58
C LYS D 65 13.71 13.35 13.20
N GLY D 66 12.61 13.39 13.94
CA GLY D 66 11.49 14.26 13.65
C GLY D 66 10.44 13.65 12.76
N ARG D 67 10.73 12.55 12.09
CA ARG D 67 9.79 11.85 11.23
C ARG D 67 9.46 10.45 11.71
N PHE D 68 10.36 9.81 12.45
CA PHE D 68 10.15 8.45 12.92
C PHE D 68 9.93 8.45 14.42
N THR D 69 9.18 7.45 14.88
CA THR D 69 8.96 7.24 16.31
C THR D 69 9.07 5.75 16.58
N VAL D 70 9.82 5.38 17.61
CA VAL D 70 9.94 3.98 18.02
C VAL D 70 9.22 3.80 19.35
N SER D 71 8.50 2.68 19.48
CA SER D 71 7.73 2.39 20.68
C SER D 71 7.94 0.93 21.07
N ARG D 72 7.67 0.62 22.34
CA ARG D 72 7.79 -0.76 22.80
C ARG D 72 6.60 -1.10 23.68
N ASP D 73 6.28 -2.39 23.71
CA ASP D 73 5.16 -2.99 24.45
C ASP D 73 5.74 -4.23 25.13
N ASP D 74 6.21 -4.06 26.37
CA ASP D 74 6.90 -5.15 27.06
C ASP D 74 5.95 -6.27 27.44
N LEU D 75 4.70 -5.94 27.77
CA LEU D 75 3.78 -6.97 28.25
C LEU D 75 3.42 -7.98 27.17
N GLU D 76 3.38 -7.56 25.90
CA GLU D 76 3.11 -8.49 24.81
C GLU D 76 4.31 -8.69 23.89
N ASP D 77 5.46 -8.10 24.22
CA ASP D 77 6.72 -8.28 23.49
C ASP D 77 6.57 -7.83 22.03
N PHE D 78 6.35 -6.53 21.88
CA PHE D 78 6.25 -5.93 20.56
C PHE D 78 7.04 -4.64 20.51
N VAL D 79 7.61 -4.37 19.33
CA VAL D 79 8.28 -3.11 19.06
C VAL D 79 7.62 -2.50 17.84
N TYR D 80 7.56 -1.17 17.81
CA TYR D 80 6.90 -0.45 16.72
C TYR D 80 7.81 0.62 16.17
N LEU D 81 7.67 0.87 14.87
CA LEU D 81 8.35 1.98 14.19
C LEU D 81 7.34 2.72 13.33
N GLN D 82 6.96 3.93 13.76
CA GLN D 82 6.16 4.84 12.95
C GLN D 82 7.08 5.60 12.03
N MET D 83 6.73 5.65 10.74
CA MET D 83 7.46 6.41 9.74
C MET D 83 6.49 7.37 9.08
N HIS D 84 6.72 8.67 9.26
CA HIS D 84 5.89 9.69 8.68
C HIS D 84 6.71 10.54 7.72
N LYS D 85 6.00 11.23 6.82
CA LYS D 85 6.62 12.14 5.86
C LYS D 85 7.77 11.45 5.13
N MET D 86 7.50 10.25 4.65
CA MET D 86 8.54 9.38 4.12
C MET D 86 9.11 9.91 2.81
N ARG D 87 10.41 9.73 2.64
CA ARG D 87 11.14 10.12 1.44
C ARG D 87 11.58 8.89 0.66
N VAL D 88 11.96 9.12 -0.60
CA VAL D 88 12.38 8.02 -1.46
C VAL D 88 13.56 7.28 -0.84
N GLU D 89 14.47 8.00 -0.19
CA GLU D 89 15.65 7.36 0.39
C GLU D 89 15.34 6.56 1.65
N ASP D 90 14.09 6.52 2.10
CA ASP D 90 13.68 5.58 3.14
C ASP D 90 13.43 4.18 2.62
N THR D 91 13.54 3.99 1.30
CA THR D 91 13.38 2.67 0.69
C THR D 91 14.47 1.74 1.18
N ALA D 92 14.09 0.60 1.75
CA ALA D 92 15.08 -0.27 2.36
C ALA D 92 14.40 -1.53 2.88
N ILE D 93 15.22 -2.50 3.27
CA ILE D 93 14.77 -3.63 4.08
C ILE D 93 14.97 -3.25 5.54
N TYR D 94 13.92 -3.41 6.35
CA TYR D 94 13.93 -2.99 7.75
C TYR D 94 13.96 -4.22 8.64
N TYR D 95 14.97 -4.29 9.50
CA TYR D 95 15.13 -5.37 10.46
C TYR D 95 15.00 -4.80 11.87
N CYS D 96 14.35 -5.55 12.74
CA CYS D 96 14.45 -5.31 14.18
CA CYS D 96 14.48 -5.28 14.16
C CYS D 96 15.52 -6.21 14.74
N ALA D 97 16.24 -5.72 15.75
CA ALA D 97 17.37 -6.43 16.31
C ALA D 97 17.51 -6.08 17.79
N ARG D 98 17.88 -7.08 18.58
CA ARG D 98 18.08 -6.87 20.01
C ARG D 98 19.57 -6.73 20.32
N LYS D 99 19.88 -5.83 21.23
CA LYS D 99 21.20 -5.79 21.87
C LYS D 99 21.20 -6.82 23.00
N GLY D 100 22.13 -7.76 22.97
CA GLY D 100 22.14 -8.76 24.02
C GLY D 100 23.39 -9.61 23.99
N SER D 101 23.49 -10.46 25.02
CA SER D 101 24.65 -11.32 25.22
C SER D 101 24.26 -12.42 26.21
N ASP D 102 25.17 -13.38 26.41
CA ASP D 102 24.94 -14.43 27.39
C ASP D 102 24.65 -13.82 28.76
N ARG D 103 25.42 -12.81 29.13
CA ARG D 103 25.15 -11.96 30.27
C ARG D 103 24.96 -10.54 29.76
N LEU D 104 23.85 -9.91 30.15
CA LEU D 104 23.55 -8.58 29.64
C LEU D 104 24.48 -7.56 30.29
N SER D 105 25.10 -6.72 29.47
CA SER D 105 25.98 -5.66 29.92
C SER D 105 25.42 -4.31 29.48
N ASP D 106 26.17 -3.25 29.82
CA ASP D 106 25.76 -1.91 29.42
C ASP D 106 25.97 -1.64 27.94
N ASN D 107 26.70 -2.49 27.21
CA ASN D 107 26.91 -2.24 25.78
C ASN D 107 27.20 -3.58 25.09
N ASP D 108 26.15 -4.21 24.57
CA ASP D 108 26.27 -5.46 23.85
C ASP D 108 25.97 -5.25 22.37
N PRO D 109 26.46 -6.13 21.50
CA PRO D 109 26.20 -6.00 20.06
C PRO D 109 24.81 -6.52 19.71
N PHE D 110 24.48 -6.43 18.43
CA PHE D 110 23.19 -6.92 17.92
C PHE D 110 23.32 -8.41 17.68
N ASP D 111 22.89 -9.22 18.65
CA ASP D 111 23.12 -10.66 18.55
C ASP D 111 21.94 -11.42 17.94
N ALA D 112 20.80 -10.76 17.75
CA ALA D 112 19.63 -11.38 17.15
C ALA D 112 18.90 -10.37 16.26
N TRP D 113 18.58 -10.82 15.03
CA TRP D 113 17.92 -10.01 14.01
C TRP D 113 16.71 -10.75 13.46
N GLY D 114 15.68 -10.01 13.09
CA GLY D 114 14.61 -10.55 12.28
C GLY D 114 15.02 -10.66 10.82
N PRO D 115 14.17 -11.32 10.02
CA PRO D 115 14.53 -11.51 8.60
C PRO D 115 14.37 -10.25 7.77
N GLY D 116 13.66 -9.24 8.25
CA GLY D 116 13.51 -8.00 7.51
C GLY D 116 12.19 -7.93 6.76
N THR D 117 11.70 -6.72 6.57
CA THR D 117 10.49 -6.46 5.78
C THR D 117 10.77 -5.32 4.81
N VAL D 118 10.26 -5.43 3.60
CA VAL D 118 10.61 -4.52 2.50
C VAL D 118 9.71 -3.29 2.55
N VAL D 119 10.32 -2.10 2.51
CA VAL D 119 9.59 -0.84 2.48
C VAL D 119 10.06 -0.08 1.23
N THR D 120 9.11 0.28 0.38
CA THR D 120 9.41 0.99 -0.86
C THR D 120 8.62 2.29 -0.89
N VAL D 121 9.31 3.38 -1.18
CA VAL D 121 8.71 4.72 -1.24
C VAL D 121 8.76 5.23 -2.67
N SER D 122 7.60 5.48 -3.26
CA SER D 122 7.48 5.96 -4.63
C SER D 122 7.72 7.46 -4.67
N PRO D 123 8.37 7.97 -5.71
CA PRO D 123 8.68 9.41 -5.76
C PRO D 123 7.46 10.31 -5.91
N ALA D 124 6.40 9.84 -6.55
CA ALA D 124 5.25 10.67 -6.88
C ALA D 124 4.33 10.78 -5.65
N SER D 125 4.39 11.91 -4.95
CA SER D 125 3.52 12.13 -3.81
C SER D 125 2.09 12.48 -4.19
N THR D 126 1.87 13.02 -5.39
CA THR D 126 0.53 13.30 -5.89
C THR D 126 0.44 12.85 -7.34
N LYS D 127 -0.79 12.68 -7.81
CA LYS D 127 -1.02 12.34 -9.22
C LYS D 127 -2.29 13.02 -9.69
N GLY D 128 -2.23 13.61 -10.88
CA GLY D 128 -3.33 14.35 -11.44
C GLY D 128 -4.26 13.46 -12.22
N PRO D 129 -5.53 13.86 -12.30
CA PRO D 129 -6.55 13.00 -12.90
C PRO D 129 -6.52 13.04 -14.42
N SER D 130 -7.00 11.95 -15.01
CA SER D 130 -7.42 11.95 -16.40
C SER D 130 -8.93 12.19 -16.45
N VAL D 131 -9.37 12.94 -17.45
CA VAL D 131 -10.78 13.32 -17.59
C VAL D 131 -11.29 12.80 -18.92
N PHE D 132 -12.31 11.95 -18.89
CA PHE D 132 -12.92 11.44 -20.10
C PHE D 132 -14.39 11.86 -20.17
N PRO D 133 -14.93 12.03 -21.38
CA PRO D 133 -16.33 12.42 -21.50
C PRO D 133 -17.26 11.22 -21.40
N LEU D 134 -18.36 11.40 -20.67
CA LEU D 134 -19.51 10.51 -20.69
C LEU D 134 -20.52 11.15 -21.64
N ALA D 135 -20.46 10.75 -22.91
CA ALA D 135 -21.19 11.44 -23.97
C ALA D 135 -22.66 11.00 -24.00
N PRO D 136 -23.58 11.93 -24.23
CA PRO D 136 -25.00 11.55 -24.32
C PRO D 136 -25.30 10.73 -25.56
N SER D 137 -26.34 9.89 -25.45
CA SER D 137 -26.76 9.00 -26.53
C SER D 137 -27.29 9.79 -27.72
N THR D 145 -35.22 14.13 -22.08
CA THR D 145 -34.14 14.40 -21.14
C THR D 145 -32.93 13.52 -21.44
N ALA D 146 -31.76 14.14 -21.56
CA ALA D 146 -30.51 13.43 -21.77
C ALA D 146 -29.55 13.67 -20.61
N ALA D 147 -28.64 12.74 -20.41
CA ALA D 147 -27.61 12.84 -19.39
C ALA D 147 -26.23 12.81 -20.03
N LEU D 148 -25.33 13.65 -19.51
CA LEU D 148 -23.94 13.63 -19.93
C LEU D 148 -23.07 13.82 -18.70
N GLY D 149 -21.77 13.62 -18.85
CA GLY D 149 -20.93 13.74 -17.68
C GLY D 149 -19.45 13.65 -18.00
N CYS D 150 -18.68 13.51 -16.93
CA CYS D 150 -17.22 13.44 -16.97
C CYS D 150 -16.77 12.36 -16.00
N LEU D 151 -15.89 11.48 -16.49
CA LEU D 151 -15.25 10.45 -15.68
C LEU D 151 -13.86 10.95 -15.31
N VAL D 152 -13.65 11.18 -14.01
CA VAL D 152 -12.40 11.72 -13.48
C VAL D 152 -11.66 10.56 -12.82
N LYS D 153 -10.64 10.04 -13.50
CA LYS D 153 -10.04 8.75 -13.16
C LYS D 153 -8.57 8.91 -12.78
N ASP D 154 -8.12 8.05 -11.84
CA ASP D 154 -6.70 7.80 -11.58
C ASP D 154 -5.96 9.03 -11.05
N TYR D 155 -6.48 9.59 -9.96
CA TYR D 155 -5.80 10.69 -9.26
C TYR D 155 -5.47 10.27 -7.84
N PHE D 156 -4.63 11.08 -7.19
CA PHE D 156 -4.23 10.84 -5.81
C PHE D 156 -3.52 12.07 -5.25
N PRO D 157 -3.81 12.47 -4.00
CA PRO D 157 -4.87 11.88 -3.19
C PRO D 157 -6.17 12.64 -3.33
N GLU D 158 -7.12 12.41 -2.42
CA GLU D 158 -8.33 13.22 -2.39
C GLU D 158 -7.97 14.64 -1.93
N PRO D 159 -8.83 15.63 -2.23
CA PRO D 159 -10.08 15.57 -2.98
C PRO D 159 -9.98 16.15 -4.40
N VAL D 160 -11.03 15.93 -5.20
CA VAL D 160 -11.20 16.55 -6.50
C VAL D 160 -12.49 17.34 -6.50
N THR D 161 -12.47 18.52 -7.13
CA THR D 161 -13.63 19.39 -7.26
C THR D 161 -14.06 19.43 -8.72
N VAL D 162 -15.37 19.48 -8.95
CA VAL D 162 -15.92 19.53 -10.31
C VAL D 162 -17.00 20.60 -10.34
N SER D 163 -16.92 21.47 -11.35
CA SER D 163 -17.99 22.41 -11.65
C SER D 163 -18.36 22.24 -13.12
N TRP D 164 -19.52 22.75 -13.51
CA TRP D 164 -19.96 22.67 -14.90
C TRP D 164 -20.13 24.08 -15.43
N ASN D 165 -19.43 24.37 -16.54
CA ASN D 165 -19.44 25.68 -17.18
C ASN D 165 -19.02 26.78 -16.21
N SER D 166 -17.97 26.49 -15.43
CA SER D 166 -17.36 27.42 -14.48
C SER D 166 -18.36 27.90 -13.43
N GLY D 167 -19.43 27.15 -13.19
CA GLY D 167 -20.46 27.54 -12.25
C GLY D 167 -21.77 27.93 -12.88
N ALA D 168 -21.82 28.11 -14.21
CA ALA D 168 -23.06 28.50 -14.86
C ALA D 168 -24.12 27.42 -14.71
N LEU D 169 -23.74 26.16 -14.90
CA LEU D 169 -24.66 25.03 -14.84
C LEU D 169 -24.54 24.37 -13.48
N THR D 170 -25.53 24.59 -12.61
CA THR D 170 -25.57 23.96 -11.29
C THR D 170 -26.79 23.10 -11.07
N SER D 171 -27.91 23.42 -11.72
CA SER D 171 -29.12 22.62 -11.55
C SER D 171 -28.97 21.30 -12.30
N GLY D 172 -29.32 20.21 -11.62
CA GLY D 172 -29.25 18.89 -12.21
C GLY D 172 -27.90 18.21 -12.15
N VAL D 173 -26.94 18.79 -11.44
CA VAL D 173 -25.58 18.27 -11.40
C VAL D 173 -25.44 17.32 -10.21
N HIS D 174 -24.90 16.13 -10.47
CA HIS D 174 -24.56 15.16 -9.42
C HIS D 174 -23.09 14.82 -9.55
N THR D 175 -22.30 15.19 -8.56
CA THR D 175 -20.90 14.78 -8.48
C THR D 175 -20.79 13.72 -7.41
N PHE D 176 -20.35 12.55 -7.80
CA PHE D 176 -20.47 11.39 -6.94
C PHE D 176 -19.27 11.27 -6.01
N PRO D 177 -19.45 10.63 -4.87
CA PRO D 177 -18.30 10.31 -4.02
C PRO D 177 -17.27 9.51 -4.80
N ALA D 178 -16.00 9.88 -4.61
CA ALA D 178 -14.94 9.15 -5.27
C ALA D 178 -14.93 7.70 -4.81
N VAL D 179 -14.33 6.85 -5.63
CA VAL D 179 -14.17 5.45 -5.33
C VAL D 179 -12.68 5.14 -5.43
N LEU D 180 -12.20 4.26 -4.55
CA LEU D 180 -10.79 3.89 -4.53
C LEU D 180 -10.63 2.56 -5.25
N GLN D 181 -9.85 2.56 -6.33
CA GLN D 181 -9.69 1.38 -7.15
C GLN D 181 -8.62 0.47 -6.59
N SER D 182 -8.57 -0.75 -7.13
CA SER D 182 -7.56 -1.71 -6.72
C SER D 182 -6.15 -1.24 -7.06
N SER D 183 -6.02 -0.28 -7.97
CA SER D 183 -4.71 0.30 -8.28
C SER D 183 -4.22 1.25 -7.20
N GLY D 184 -5.06 1.60 -6.22
CA GLY D 184 -4.69 2.58 -5.24
C GLY D 184 -4.93 4.01 -5.65
N LEU D 185 -5.64 4.24 -6.76
CA LEU D 185 -5.92 5.58 -7.24
C LEU D 185 -7.43 5.80 -7.24
N TYR D 186 -7.82 7.05 -7.00
CA TYR D 186 -9.23 7.38 -6.86
C TYR D 186 -9.87 7.67 -8.21
N SER D 187 -11.18 7.46 -8.28
CA SER D 187 -11.94 7.71 -9.50
C SER D 187 -13.34 8.14 -9.10
N LEU D 188 -13.89 9.13 -9.81
CA LEU D 188 -15.25 9.57 -9.58
C LEU D 188 -15.88 9.94 -10.91
N SER D 189 -17.17 10.26 -10.84
CA SER D 189 -17.88 10.73 -12.01
C SER D 189 -18.73 11.93 -11.60
N SER D 190 -18.99 12.80 -12.57
CA SER D 190 -19.89 13.93 -12.38
C SER D 190 -20.81 14.00 -13.58
N VAL D 191 -22.11 14.03 -13.35
CA VAL D 191 -23.09 14.00 -14.43
C VAL D 191 -24.03 15.18 -14.28
N VAL D 192 -24.70 15.50 -15.39
CA VAL D 192 -25.75 16.51 -15.41
C VAL D 192 -26.79 16.08 -16.45
N THR D 193 -28.06 16.32 -16.11
CA THR D 193 -29.17 16.05 -17.01
C THR D 193 -29.65 17.36 -17.62
N VAL D 194 -29.82 17.37 -18.93
CA VAL D 194 -30.23 18.56 -19.67
C VAL D 194 -31.35 18.18 -20.62
N PRO D 195 -32.12 19.16 -21.08
CA PRO D 195 -33.10 18.89 -22.14
C PRO D 195 -32.40 18.44 -23.41
N SER D 196 -32.90 17.36 -24.01
CA SER D 196 -32.27 16.81 -25.21
C SER D 196 -32.27 17.82 -26.35
N SER D 197 -33.26 18.70 -26.39
CA SER D 197 -33.37 19.72 -27.42
C SER D 197 -32.32 20.82 -27.30
N SER D 198 -31.47 20.78 -26.27
CA SER D 198 -30.41 21.77 -26.11
C SER D 198 -29.03 21.22 -26.44
N LEU D 199 -28.94 19.98 -26.91
CA LEU D 199 -27.64 19.37 -27.19
C LEU D 199 -26.95 19.99 -28.40
N GLY D 200 -27.69 20.64 -29.29
CA GLY D 200 -27.10 21.26 -30.46
C GLY D 200 -26.83 22.74 -30.36
N THR D 201 -27.18 23.37 -29.23
CA THR D 201 -26.98 24.79 -29.05
C THR D 201 -26.22 25.14 -27.77
N GLN D 202 -26.23 24.28 -26.75
CA GLN D 202 -25.59 24.55 -25.48
C GLN D 202 -24.26 23.82 -25.41
N THR D 203 -23.21 24.54 -25.00
CA THR D 203 -21.91 23.93 -24.75
C THR D 203 -21.83 23.45 -23.30
N TYR D 204 -21.26 22.27 -23.11
CA TYR D 204 -21.14 21.68 -21.78
C TYR D 204 -19.67 21.36 -21.52
N ILE D 205 -19.10 21.98 -20.49
CA ILE D 205 -17.71 21.81 -20.13
C ILE D 205 -17.63 21.53 -18.63
N CYS D 206 -17.00 20.42 -18.27
CA CYS D 206 -16.72 20.13 -16.88
C CYS D 206 -15.33 20.64 -16.51
N ASN D 207 -15.25 21.34 -15.39
CA ASN D 207 -14.03 21.93 -14.87
C ASN D 207 -13.62 21.13 -13.63
N VAL D 208 -12.54 20.37 -13.77
CA VAL D 208 -12.00 19.51 -12.74
C VAL D 208 -10.79 20.21 -12.10
N ASN D 209 -10.82 20.33 -10.78
CA ASN D 209 -9.78 21.01 -10.02
C ASN D 209 -9.25 20.03 -8.98
N HIS D 210 -7.97 19.66 -9.10
CA HIS D 210 -7.29 18.77 -8.16
C HIS D 210 -6.21 19.58 -7.47
N LYS D 211 -6.55 20.15 -6.32
CA LYS D 211 -5.62 21.03 -5.61
C LYS D 211 -4.35 20.33 -5.12
N PRO D 212 -4.38 19.07 -4.65
CA PRO D 212 -3.12 18.41 -4.26
C PRO D 212 -2.05 18.37 -5.35
N SER D 213 -2.44 18.44 -6.62
CA SER D 213 -1.49 18.50 -7.72
C SER D 213 -1.57 19.81 -8.50
N ASN D 214 -2.34 20.78 -8.01
CA ASN D 214 -2.53 22.08 -8.66
C ASN D 214 -3.04 21.93 -10.09
N THR D 215 -3.85 20.91 -10.36
CA THR D 215 -4.31 20.62 -11.72
C THR D 215 -5.69 21.23 -11.96
N LYS D 216 -5.83 21.93 -13.08
CA LYS D 216 -7.12 22.36 -13.59
C LYS D 216 -7.28 21.78 -14.98
N VAL D 217 -8.43 21.17 -15.26
CA VAL D 217 -8.72 20.57 -16.56
C VAL D 217 -10.15 20.92 -16.96
N ASP D 218 -10.31 21.45 -18.17
CA ASP D 218 -11.64 21.68 -18.74
C ASP D 218 -11.86 20.70 -19.88
N LYS D 219 -12.98 19.97 -19.83
CA LYS D 219 -13.32 19.02 -20.89
C LYS D 219 -14.72 19.30 -21.37
N LYS D 220 -14.85 19.61 -22.66
CA LYS D 220 -16.15 19.76 -23.29
C LYS D 220 -16.70 18.39 -23.69
N VAL D 221 -17.99 18.20 -23.50
CA VAL D 221 -18.64 16.92 -23.72
C VAL D 221 -19.60 17.10 -24.89
N GLU D 222 -19.22 16.58 -26.07
CA GLU D 222 -20.11 16.64 -27.21
C GLU D 222 -20.78 15.29 -27.46
N PRO D 223 -21.96 15.28 -28.09
CA PRO D 223 -22.70 14.04 -28.40
C PRO D 223 -21.93 13.08 -29.30
#